data_4A3N
# 
_entry.id   4A3N 
# 
_audit_conform.dict_name       mmcif_pdbx.dic 
_audit_conform.dict_version    5.383 
_audit_conform.dict_location   http://mmcif.pdb.org/dictionaries/ascii/mmcif_pdbx.dic 
# 
loop_
_database_2.database_id 
_database_2.database_code 
_database_2.pdbx_database_accession 
_database_2.pdbx_DOI 
PDB   4A3N         pdb_00004a3n 10.2210/pdb4a3n/pdb 
PDBE  EBI-49866    ?            ?                   
WWPDB D_1290049866 ?            ?                   
# 
_pdbx_database_status.status_code                     REL 
_pdbx_database_status.entry_id                        4A3N 
_pdbx_database_status.deposit_site                    PDBE 
_pdbx_database_status.process_site                    PDBE 
_pdbx_database_status.SG_entry                        . 
_pdbx_database_status.recvd_initial_deposition_date   2011-10-01 
_pdbx_database_status.pdb_format_compatible           Y 
_pdbx_database_status.status_code_sf                  REL 
_pdbx_database_status.status_code_mr                  ? 
_pdbx_database_status.status_code_cs                  ? 
_pdbx_database_status.methods_development_category    ? 
_pdbx_database_status.status_code_nmr_data            ? 
# 
loop_
_audit_author.name 
_audit_author.pdbx_ordinal 
'Gao, N.'  1 
'Gao, H.'  2 
'Qian, H.' 3 
'Si, S.'   4 
'Xie, Y.'  5 
# 
loop_
_citation.id 
_citation.title 
_citation.journal_abbrev 
_citation.journal_volume 
_citation.page_first 
_citation.page_last 
_citation.year 
_citation.journal_id_ASTM 
_citation.country 
_citation.journal_id_ISSN 
_citation.journal_id_CSD 
_citation.book_publisher 
_citation.pdbx_database_id_PubMed 
_citation.pdbx_database_id_DOI 
primary 'Structural Basis of Human Transcription Factor Sry-Related Box 17 Binding to DNA.'                                     
'Protein Pept.Lett.' 20  481 ? 2013 PPELEN NE 0929-8665 2077 ? 23061670 10.2174/092986613805290336 
1       'The Structure of Sox17 Bound to DNA Reveals a Conserved Bending Topology But Selective Protein Interaction Platforms.' 
J.Mol.Biol.          388 619 ? 2009 JMOBAK UK 0022-2836 0070 ? 19328208 10.1016/J.JMB.2009.03.055  
# 
loop_
_citation_author.citation_id 
_citation_author.name 
_citation_author.ordinal 
_citation_author.identifier_ORCID 
primary 'Gao, N.'        1  ? 
primary 'Jiang, W.'      2  ? 
primary 'Gao, H.'        3  ? 
primary 'Cheng, Z.'      4  ? 
primary 'Qian, H.'       5  ? 
primary 'Si, S.'         6  ? 
primary 'Xie, Y.'        7  ? 
1       'Palasingam, P.' 8  ? 
1       'Jauch, R.'      9  ? 
1       'Ng, C.K.L.'     10 ? 
1       'Kolatkar, P.R.' 11 ? 
# 
_cell.entry_id           4A3N 
_cell.length_a           94.281 
_cell.length_b           22.525 
_cell.length_c           66.668 
_cell.angle_alpha        90.00 
_cell.angle_beta         129.09 
_cell.angle_gamma        90.00 
_cell.Z_PDB              4 
_cell.pdbx_unique_axis   ? 
# 
_symmetry.entry_id                         4A3N 
_symmetry.space_group_name_H-M             'C 1 2 1' 
_symmetry.pdbx_full_space_group_name_H-M   ? 
_symmetry.cell_setting                     ? 
_symmetry.Int_Tables_number                5 
# 
loop_
_entity.id 
_entity.type 
_entity.src_method 
_entity.pdbx_description 
_entity.formula_weight 
_entity.pdbx_number_of_molecules 
_entity.pdbx_ec 
_entity.pdbx_mutation 
_entity.pdbx_fragment 
_entity.details 
1 polymer     man 'TRANSCRIPTION FACTOR SOX-17' 8445.764 1  ? ? 'HMG-BOX, RESIDUES 68-136' ? 
2 non-polymer syn 'ZINC ION'                    65.409   3  ? ? ?                          ? 
3 water       nat water                         18.015   72 ? ? ?                          ? 
# 
_entity_poly.entity_id                      1 
_entity_poly.type                           'polypeptide(L)' 
_entity_poly.nstd_linkage                   no 
_entity_poly.nstd_monomer                   no 
_entity_poly.pdbx_seq_one_letter_code       GSIRRPMNAFMVWAKDERKRLAQQNPDLHNAELSKMLGKSWKALTLAEKRPFVEEAERLRVQHMQDHPNYK 
_entity_poly.pdbx_seq_one_letter_code_can   GSIRRPMNAFMVWAKDERKRLAQQNPDLHNAELSKMLGKSWKALTLAEKRPFVEEAERLRVQHMQDHPNYK 
_entity_poly.pdbx_strand_id                 A 
_entity_poly.pdbx_target_identifier         ? 
# 
loop_
_entity_poly_seq.entity_id 
_entity_poly_seq.num 
_entity_poly_seq.mon_id 
_entity_poly_seq.hetero 
1 1  GLY n 
1 2  SER n 
1 3  ILE n 
1 4  ARG n 
1 5  ARG n 
1 6  PRO n 
1 7  MET n 
1 8  ASN n 
1 9  ALA n 
1 10 PHE n 
1 11 MET n 
1 12 VAL n 
1 13 TRP n 
1 14 ALA n 
1 15 LYS n 
1 16 ASP n 
1 17 GLU n 
1 18 ARG n 
1 19 LYS n 
1 20 ARG n 
1 21 LEU n 
1 22 ALA n 
1 23 GLN n 
1 24 GLN n 
1 25 ASN n 
1 26 PRO n 
1 27 ASP n 
1 28 LEU n 
1 29 HIS n 
1 30 ASN n 
1 31 ALA n 
1 32 GLU n 
1 33 LEU n 
1 34 SER n 
1 35 LYS n 
1 36 MET n 
1 37 LEU n 
1 38 GLY n 
1 39 LYS n 
1 40 SER n 
1 41 TRP n 
1 42 LYS n 
1 43 ALA n 
1 44 LEU n 
1 45 THR n 
1 46 LEU n 
1 47 ALA n 
1 48 GLU n 
1 49 LYS n 
1 50 ARG n 
1 51 PRO n 
1 52 PHE n 
1 53 VAL n 
1 54 GLU n 
1 55 GLU n 
1 56 ALA n 
1 57 GLU n 
1 58 ARG n 
1 59 LEU n 
1 60 ARG n 
1 61 VAL n 
1 62 GLN n 
1 63 HIS n 
1 64 MET n 
1 65 GLN n 
1 66 ASP n 
1 67 HIS n 
1 68 PRO n 
1 69 ASN n 
1 70 TYR n 
1 71 LYS n 
# 
_entity_src_gen.entity_id                          1 
_entity_src_gen.pdbx_src_id                        1 
_entity_src_gen.pdbx_alt_source_flag               sample 
_entity_src_gen.pdbx_seq_type                      ? 
_entity_src_gen.pdbx_beg_seq_num                   ? 
_entity_src_gen.pdbx_end_seq_num                   ? 
_entity_src_gen.gene_src_common_name               HUMAN 
_entity_src_gen.gene_src_genus                     ? 
_entity_src_gen.pdbx_gene_src_gene                 ? 
_entity_src_gen.gene_src_species                   ? 
_entity_src_gen.gene_src_strain                    ? 
_entity_src_gen.gene_src_tissue                    ? 
_entity_src_gen.gene_src_tissue_fraction           ? 
_entity_src_gen.gene_src_details                   ? 
_entity_src_gen.pdbx_gene_src_fragment             ? 
_entity_src_gen.pdbx_gene_src_scientific_name      'HOMO SAPIENS' 
_entity_src_gen.pdbx_gene_src_ncbi_taxonomy_id     9606 
_entity_src_gen.pdbx_gene_src_variant              ? 
_entity_src_gen.pdbx_gene_src_cell_line            ? 
_entity_src_gen.pdbx_gene_src_atcc                 ? 
_entity_src_gen.pdbx_gene_src_organ                ? 
_entity_src_gen.pdbx_gene_src_organelle            ? 
_entity_src_gen.pdbx_gene_src_cell                 ? 
_entity_src_gen.pdbx_gene_src_cellular_location    ? 
_entity_src_gen.host_org_common_name               ? 
_entity_src_gen.pdbx_host_org_scientific_name      'ESCHERICHIA COLI' 
_entity_src_gen.pdbx_host_org_ncbi_taxonomy_id     469008 
_entity_src_gen.host_org_genus                     ? 
_entity_src_gen.pdbx_host_org_gene                 ? 
_entity_src_gen.pdbx_host_org_organ                ? 
_entity_src_gen.host_org_species                   ? 
_entity_src_gen.pdbx_host_org_tissue               ? 
_entity_src_gen.pdbx_host_org_tissue_fraction      ? 
_entity_src_gen.pdbx_host_org_strain               'BL21(DE3)' 
_entity_src_gen.pdbx_host_org_variant              ? 
_entity_src_gen.pdbx_host_org_cell_line            ? 
_entity_src_gen.pdbx_host_org_atcc                 ? 
_entity_src_gen.pdbx_host_org_culture_collection   ? 
_entity_src_gen.pdbx_host_org_cell                 ? 
_entity_src_gen.pdbx_host_org_organelle            ? 
_entity_src_gen.pdbx_host_org_cellular_location    ? 
_entity_src_gen.pdbx_host_org_vector_type          PLASMID 
_entity_src_gen.pdbx_host_org_vector               PGEX-4T-2 
_entity_src_gen.host_org_details                   ? 
_entity_src_gen.expression_system_id               ? 
_entity_src_gen.plasmid_name                       ? 
_entity_src_gen.plasmid_details                    ? 
_entity_src_gen.pdbx_description                   ? 
# 
_struct_ref.id                         1 
_struct_ref.db_name                    UNP 
_struct_ref.db_code                    SOX17_HUMAN 
_struct_ref.entity_id                  1 
_struct_ref.pdbx_seq_one_letter_code   ? 
_struct_ref.pdbx_align_begin           ? 
_struct_ref.pdbx_db_accession          Q9H6I2 
_struct_ref.pdbx_db_isoform            ? 
# 
_struct_ref_seq.align_id                      1 
_struct_ref_seq.ref_id                        1 
_struct_ref_seq.pdbx_PDB_id_code              4A3N 
_struct_ref_seq.pdbx_strand_id                A 
_struct_ref_seq.seq_align_beg                 3 
_struct_ref_seq.pdbx_seq_align_beg_ins_code   ? 
_struct_ref_seq.seq_align_end                 71 
_struct_ref_seq.pdbx_seq_align_end_ins_code   ? 
_struct_ref_seq.pdbx_db_accession             Q9H6I2 
_struct_ref_seq.db_align_beg                  68 
_struct_ref_seq.pdbx_db_align_beg_ins_code    ? 
_struct_ref_seq.db_align_end                  136 
_struct_ref_seq.pdbx_db_align_end_ins_code    ? 
_struct_ref_seq.pdbx_auth_seq_align_beg       68 
_struct_ref_seq.pdbx_auth_seq_align_end       136 
# 
loop_
_struct_ref_seq_dif.align_id 
_struct_ref_seq_dif.pdbx_pdb_id_code 
_struct_ref_seq_dif.mon_id 
_struct_ref_seq_dif.pdbx_pdb_strand_id 
_struct_ref_seq_dif.seq_num 
_struct_ref_seq_dif.pdbx_pdb_ins_code 
_struct_ref_seq_dif.pdbx_seq_db_name 
_struct_ref_seq_dif.pdbx_seq_db_accession_code 
_struct_ref_seq_dif.db_mon_id 
_struct_ref_seq_dif.pdbx_seq_db_seq_num 
_struct_ref_seq_dif.details 
_struct_ref_seq_dif.pdbx_auth_seq_num 
_struct_ref_seq_dif.pdbx_ordinal 
1 4A3N GLY A 1 ? UNP Q9H6I2 ? ? 'expression tag' 66 1 
1 4A3N SER A 2 ? UNP Q9H6I2 ? ? 'expression tag' 67 2 
# 
loop_
_chem_comp.id 
_chem_comp.type 
_chem_comp.mon_nstd_flag 
_chem_comp.name 
_chem_comp.pdbx_synonyms 
_chem_comp.formula 
_chem_comp.formula_weight 
ALA 'L-peptide linking' y ALANINE         ? 'C3 H7 N O2'     89.093  
ARG 'L-peptide linking' y ARGININE        ? 'C6 H15 N4 O2 1' 175.209 
ASN 'L-peptide linking' y ASPARAGINE      ? 'C4 H8 N2 O3'    132.118 
ASP 'L-peptide linking' y 'ASPARTIC ACID' ? 'C4 H7 N O4'     133.103 
GLN 'L-peptide linking' y GLUTAMINE       ? 'C5 H10 N2 O3'   146.144 
GLU 'L-peptide linking' y 'GLUTAMIC ACID' ? 'C5 H9 N O4'     147.129 
GLY 'peptide linking'   y GLYCINE         ? 'C2 H5 N O2'     75.067  
HIS 'L-peptide linking' y HISTIDINE       ? 'C6 H10 N3 O2 1' 156.162 
HOH non-polymer         . WATER           ? 'H2 O'           18.015  
ILE 'L-peptide linking' y ISOLEUCINE      ? 'C6 H13 N O2'    131.173 
LEU 'L-peptide linking' y LEUCINE         ? 'C6 H13 N O2'    131.173 
LYS 'L-peptide linking' y LYSINE          ? 'C6 H15 N2 O2 1' 147.195 
MET 'L-peptide linking' y METHIONINE      ? 'C5 H11 N O2 S'  149.211 
PHE 'L-peptide linking' y PHENYLALANINE   ? 'C9 H11 N O2'    165.189 
PRO 'L-peptide linking' y PROLINE         ? 'C5 H9 N O2'     115.130 
SER 'L-peptide linking' y SERINE          ? 'C3 H7 N O3'     105.093 
THR 'L-peptide linking' y THREONINE       ? 'C4 H9 N O3'     119.119 
TRP 'L-peptide linking' y TRYPTOPHAN      ? 'C11 H12 N2 O2'  204.225 
TYR 'L-peptide linking' y TYROSINE        ? 'C9 H11 N O3'    181.189 
VAL 'L-peptide linking' y VALINE          ? 'C5 H11 N O2'    117.146 
ZN  non-polymer         . 'ZINC ION'      ? 'Zn 2'           65.409  
# 
_exptl.entry_id          4A3N 
_exptl.method            'X-RAY DIFFRACTION' 
_exptl.crystals_number   ? 
# 
_exptl_crystal.id                    1 
_exptl_crystal.density_meas          ? 
_exptl_crystal.density_Matthews      3.25 
_exptl_crystal.density_percent_sol   62.19 
_exptl_crystal.description           NONE 
# 
_diffrn.id                     1 
_diffrn.ambient_temp           100 
_diffrn.ambient_temp_details   ? 
_diffrn.crystal_id             1 
# 
_diffrn_detector.diffrn_id              1 
_diffrn_detector.detector               CCD 
_diffrn_detector.type                   'ADSC QUANTUM 315r' 
_diffrn_detector.pdbx_collection_date   ? 
_diffrn_detector.details                ? 
# 
_diffrn_radiation.diffrn_id                        1 
_diffrn_radiation.wavelength_id                    1 
_diffrn_radiation.pdbx_monochromatic_or_laue_m_l   M 
_diffrn_radiation.monochromator                    ? 
_diffrn_radiation.pdbx_diffrn_protocol             'SINGLE WAVELENGTH' 
_diffrn_radiation.pdbx_scattering_type             x-ray 
# 
_diffrn_radiation_wavelength.id           1 
_diffrn_radiation_wavelength.wavelength   0.9790 
_diffrn_radiation_wavelength.wt           1.0 
# 
_diffrn_source.diffrn_id                   1 
_diffrn_source.source                      SYNCHROTRON 
_diffrn_source.type                        'PHOTON FACTORY BEAMLINE BL-5A' 
_diffrn_source.pdbx_synchrotron_site       'Photon Factory' 
_diffrn_source.pdbx_synchrotron_beamline   BL-5A 
_diffrn_source.pdbx_wavelength             0.9790 
_diffrn_source.pdbx_wavelength_list        ? 
# 
_reflns.pdbx_diffrn_id               1 
_reflns.pdbx_ordinal                 1 
_reflns.entry_id                     4A3N 
_reflns.observed_criterion_sigma_I   0.0 
_reflns.observed_criterion_sigma_F   ? 
_reflns.d_resolution_low             50.00 
_reflns.d_resolution_high            2.40 
_reflns.number_obs                   4389 
_reflns.number_all                   ? 
_reflns.percent_possible_obs         98.0 
_reflns.pdbx_Rmerge_I_obs            0.08 
_reflns.pdbx_Rsym_value              ? 
_reflns.pdbx_netI_over_sigmaI        22.90 
_reflns.B_iso_Wilson_estimate        20.9 
_reflns.pdbx_redundancy              3.4 
# 
_reflns_shell.pdbx_diffrn_id         1 
_reflns_shell.pdbx_ordinal           1 
_reflns_shell.d_res_high             2.40 
_reflns_shell.d_res_low              2.53 
_reflns_shell.percent_possible_all   100.0 
_reflns_shell.Rmerge_I_obs           0.19 
_reflns_shell.pdbx_Rsym_value        ? 
_reflns_shell.meanI_over_sigI_obs    23.40 
_reflns_shell.pdbx_redundancy        3.5 
# 
_refine.pdbx_refine_id                           'X-RAY DIFFRACTION' 
_refine.entry_id                                 4A3N 
_refine.pdbx_diffrn_id                           1 
_refine.pdbx_TLS_residual_ADP_flag               ? 
_refine.ls_number_reflns_obs                     4319 
_refine.ls_number_reflns_all                     ? 
_refine.pdbx_ls_sigma_I                          ? 
_refine.pdbx_ls_sigma_F                          2.0 
_refine.pdbx_data_cutoff_high_absF               1313405.55 
_refine.pdbx_data_cutoff_low_absF                0.00 
_refine.pdbx_data_cutoff_high_rms_absF           ? 
_refine.ls_d_res_low                             23.66 
_refine.ls_d_res_high                            2.40 
_refine.ls_percent_reflns_obs                    96.1 
_refine.ls_R_factor_obs                          0.202 
_refine.ls_R_factor_all                          ? 
_refine.ls_R_factor_R_work                       0.202 
_refine.ls_R_factor_R_free                       0.267 
_refine.ls_R_factor_R_free_error                 0.013 
_refine.ls_R_factor_R_free_error_details         ? 
_refine.ls_percent_reflns_R_free                 10.5 
_refine.ls_number_reflns_R_free                  453 
_refine.ls_number_parameters                     ? 
_refine.ls_number_restraints                     ? 
_refine.occupancy_min                            ? 
_refine.occupancy_max                            ? 
_refine.correlation_coeff_Fo_to_Fc               ? 
_refine.correlation_coeff_Fo_to_Fc_free          ? 
_refine.B_iso_mean                               44.7 
_refine.aniso_B[1][1]                            16.34 
_refine.aniso_B[2][2]                            -13.86 
_refine.aniso_B[3][3]                            -2.48 
_refine.aniso_B[1][2]                            0.00 
_refine.aniso_B[1][3]                            -12.99 
_refine.aniso_B[2][3]                            0.00 
_refine.solvent_model_details                    'FLAT MODEL' 
_refine.solvent_model_param_ksol                 0.35 
_refine.solvent_model_param_bsol                 60.9136 
_refine.pdbx_solvent_vdw_probe_radii             ? 
_refine.pdbx_solvent_ion_probe_radii             ? 
_refine.pdbx_solvent_shrinkage_radii             ? 
_refine.pdbx_ls_cross_valid_method               THROUGHOUT 
_refine.details                                  'BULK SOLVENT MODEL USED' 
_refine.pdbx_starting_model                      'PDB ENTRY 3F27' 
_refine.pdbx_method_to_determine_struct          'MOLECULAR REPLACEMENT' 
_refine.pdbx_isotropic_thermal_model             RESTRAINED 
_refine.pdbx_stereochemistry_target_values       ? 
_refine.pdbx_stereochem_target_val_spec_case     ? 
_refine.pdbx_R_Free_selection_details            RANDOM 
_refine.pdbx_overall_ESU_R                       ? 
_refine.pdbx_overall_ESU_R_Free                  ? 
_refine.overall_SU_ML                            ? 
_refine.pdbx_overall_phase_error                 ? 
_refine.overall_SU_B                             ? 
_refine.overall_SU_R_Cruickshank_DPI             ? 
_refine.pdbx_overall_SU_R_free_Cruickshank_DPI   ? 
_refine.pdbx_overall_SU_R_Blow_DPI               ? 
_refine.pdbx_overall_SU_R_free_Blow_DPI          ? 
# 
_refine_analyze.pdbx_refine_id                  'X-RAY DIFFRACTION' 
_refine_analyze.entry_id                        4A3N 
_refine_analyze.Luzzati_coordinate_error_obs    0.26 
_refine_analyze.Luzzati_sigma_a_obs             0.26 
_refine_analyze.Luzzati_d_res_low_obs           5.00 
_refine_analyze.Luzzati_coordinate_error_free   0.38 
_refine_analyze.Luzzati_sigma_a_free            0.43 
_refine_analyze.Luzzati_d_res_low_free          ? 
_refine_analyze.number_disordered_residues      ? 
_refine_analyze.occupancy_sum_hydrogen          ? 
_refine_analyze.occupancy_sum_non_hydrogen      ? 
# 
_refine_hist.pdbx_refine_id                   'X-RAY DIFFRACTION' 
_refine_hist.cycle_id                         LAST 
_refine_hist.pdbx_number_atoms_protein        534 
_refine_hist.pdbx_number_atoms_nucleic_acid   0 
_refine_hist.pdbx_number_atoms_ligand         3 
_refine_hist.number_atoms_solvent             72 
_refine_hist.number_atoms_total               609 
_refine_hist.d_res_high                       2.40 
_refine_hist.d_res_low                        23.66 
# 
loop_
_refine_ls_restr.type 
_refine_ls_restr.dev_ideal 
_refine_ls_restr.dev_ideal_target 
_refine_ls_restr.weight 
_refine_ls_restr.number 
_refine_ls_restr.pdbx_refine_id 
_refine_ls_restr.pdbx_restraint_function 
c_bond_d                0.007 ? ? ? 'X-RAY DIFFRACTION' ? 
c_bond_d_na             ?     ? ? ? 'X-RAY DIFFRACTION' ? 
c_bond_d_prot           ?     ? ? ? 'X-RAY DIFFRACTION' ? 
c_angle_d               ?     ? ? ? 'X-RAY DIFFRACTION' ? 
c_angle_d_na            ?     ? ? ? 'X-RAY DIFFRACTION' ? 
c_angle_d_prot          ?     ? ? ? 'X-RAY DIFFRACTION' ? 
c_angle_deg             1.1   ? ? ? 'X-RAY DIFFRACTION' ? 
c_angle_deg_na          ?     ? ? ? 'X-RAY DIFFRACTION' ? 
c_angle_deg_prot        ?     ? ? ? 'X-RAY DIFFRACTION' ? 
c_dihedral_angle_d      16.7  ? ? ? 'X-RAY DIFFRACTION' ? 
c_dihedral_angle_d_na   ?     ? ? ? 'X-RAY DIFFRACTION' ? 
c_dihedral_angle_d_prot ?     ? ? ? 'X-RAY DIFFRACTION' ? 
c_improper_angle_d      0.86  ? ? ? 'X-RAY DIFFRACTION' ? 
c_improper_angle_d_na   ?     ? ? ? 'X-RAY DIFFRACTION' ? 
c_improper_angle_d_prot ?     ? ? ? 'X-RAY DIFFRACTION' ? 
c_mcbond_it             ?     ? ? ? 'X-RAY DIFFRACTION' ? 
c_mcangle_it            ?     ? ? ? 'X-RAY DIFFRACTION' ? 
c_scbond_it             ?     ? ? ? 'X-RAY DIFFRACTION' ? 
c_scangle_it            ?     ? ? ? 'X-RAY DIFFRACTION' ? 
# 
_refine_ls_restr_ncs.pdbx_refine_id      'X-RAY DIFFRACTION' 
_refine_ls_restr_ncs.dom_id              1 
_refine_ls_restr_ncs.ncs_model_details   NONE 
_refine_ls_restr_ncs.rms_dev_position    ? 
_refine_ls_restr_ncs.weight_position     ? 
_refine_ls_restr_ncs.rms_dev_B_iso       ? 
_refine_ls_restr_ncs.weight_B_iso        ? 
_refine_ls_restr_ncs.pdbx_ordinal        1 
_refine_ls_restr_ncs.pdbx_type           . 
_refine_ls_restr_ncs.pdbx_auth_asym_id   . 
_refine_ls_restr_ncs.pdbx_ens_id         1 
_refine_ls_restr_ncs.pdbx_number         ? 
_refine_ls_restr_ncs.pdbx_asym_id        ? 
_refine_ls_restr_ncs.pdbx_rms            ? 
_refine_ls_restr_ncs.pdbx_weight         ? 
# 
_refine_ls_shell.pdbx_refine_id                   'X-RAY DIFFRACTION' 
_refine_ls_shell.pdbx_total_number_of_bins_used   6 
_refine_ls_shell.d_res_high                       2.40 
_refine_ls_shell.d_res_low                        2.55 
_refine_ls_shell.number_reflns_R_work             653 
_refine_ls_shell.R_factor_R_work                  0.255 
_refine_ls_shell.percent_reflns_obs               96.1 
_refine_ls_shell.R_factor_R_free                  0.367 
_refine_ls_shell.R_factor_R_free_error            0.046 
_refine_ls_shell.percent_reflns_R_free            8.9 
_refine_ls_shell.number_reflns_R_free             64 
_refine_ls_shell.number_reflns_all                ? 
_refine_ls_shell.R_factor_all                     ? 
# 
loop_
_pdbx_xplor_file.pdbx_refine_id 
_pdbx_xplor_file.serial_no 
_pdbx_xplor_file.param_file 
_pdbx_xplor_file.topol_file 
'X-RAY DIFFRACTION' 1 PROTEIN_REP.PARAM PROTEIN.TOP   
'X-RAY DIFFRACTION' 2 ION.PARAM         ION.TOP       
'X-RAY DIFFRACTION' 3 WATER_REP.PARAM   WATER_REP.TOP 
# 
_struct_ncs_dom.id            1 
_struct_ncs_dom.details       ? 
_struct_ncs_dom.pdbx_ens_id   1 
# 
_struct_ncs_ens.id        1 
_struct_ncs_ens.details   ? 
# 
_struct.entry_id                  4A3N 
_struct.title                     'Crystal Structure of HMG-BOX of Human SOX17' 
_struct.pdbx_model_details        ? 
_struct.pdbx_CASP_flag            ? 
_struct.pdbx_model_type_details   ? 
# 
_struct_keywords.entry_id        4A3N 
_struct_keywords.pdbx_keywords   TRANSCRIPTION 
_struct_keywords.text            TRANSCRIPTION 
# 
loop_
_struct_asym.id 
_struct_asym.pdbx_blank_PDB_chainid_flag 
_struct_asym.pdbx_modified 
_struct_asym.entity_id 
_struct_asym.details 
A N N 1 ? 
B N N 2 ? 
C N N 2 ? 
D N N 2 ? 
E N N 3 ? 
# 
_struct_biol.id   1 
# 
loop_
_struct_conf.conf_type_id 
_struct_conf.id 
_struct_conf.pdbx_PDB_helix_id 
_struct_conf.beg_label_comp_id 
_struct_conf.beg_label_asym_id 
_struct_conf.beg_label_seq_id 
_struct_conf.pdbx_beg_PDB_ins_code 
_struct_conf.end_label_comp_id 
_struct_conf.end_label_asym_id 
_struct_conf.end_label_seq_id 
_struct_conf.pdbx_end_PDB_ins_code 
_struct_conf.beg_auth_comp_id 
_struct_conf.beg_auth_asym_id 
_struct_conf.beg_auth_seq_id 
_struct_conf.end_auth_comp_id 
_struct_conf.end_auth_asym_id 
_struct_conf.end_auth_seq_id 
_struct_conf.pdbx_PDB_helix_class 
_struct_conf.details 
_struct_conf.pdbx_PDB_helix_length 
HELX_P HELX_P1 1 ASN A 8  ? GLN A 23 ? ASN A 73  GLN A 88  1 ? 16 
HELX_P HELX_P2 2 HIS A 29 ? LEU A 44 ? HIS A 94  LEU A 109 1 ? 16 
HELX_P HELX_P3 3 THR A 45 ? GLN A 65 ? THR A 110 GLN A 130 1 ? 21 
# 
_struct_conf_type.id          HELX_P 
_struct_conf_type.criteria    ? 
_struct_conf_type.reference   ? 
# 
loop_
_struct_conn.id 
_struct_conn.conn_type_id 
_struct_conn.pdbx_leaving_atom_flag 
_struct_conn.pdbx_PDB_id 
_struct_conn.ptnr1_label_asym_id 
_struct_conn.ptnr1_label_comp_id 
_struct_conn.ptnr1_label_seq_id 
_struct_conn.ptnr1_label_atom_id 
_struct_conn.pdbx_ptnr1_label_alt_id 
_struct_conn.pdbx_ptnr1_PDB_ins_code 
_struct_conn.pdbx_ptnr1_standard_comp_id 
_struct_conn.ptnr1_symmetry 
_struct_conn.ptnr2_label_asym_id 
_struct_conn.ptnr2_label_comp_id 
_struct_conn.ptnr2_label_seq_id 
_struct_conn.ptnr2_label_atom_id 
_struct_conn.pdbx_ptnr2_label_alt_id 
_struct_conn.pdbx_ptnr2_PDB_ins_code 
_struct_conn.ptnr1_auth_asym_id 
_struct_conn.ptnr1_auth_comp_id 
_struct_conn.ptnr1_auth_seq_id 
_struct_conn.ptnr2_auth_asym_id 
_struct_conn.ptnr2_auth_comp_id 
_struct_conn.ptnr2_auth_seq_id 
_struct_conn.ptnr2_symmetry 
_struct_conn.pdbx_ptnr3_label_atom_id 
_struct_conn.pdbx_ptnr3_label_seq_id 
_struct_conn.pdbx_ptnr3_label_comp_id 
_struct_conn.pdbx_ptnr3_label_asym_id 
_struct_conn.pdbx_ptnr3_label_alt_id 
_struct_conn.pdbx_ptnr3_PDB_ins_code 
_struct_conn.details 
_struct_conn.pdbx_dist_value 
_struct_conn.pdbx_value_order 
_struct_conn.pdbx_role 
metalc1 metalc ? ? A HIS 29 ND1 ? ? ? 1_555 C ZN  . ZN ? ? A HIS 94   A ZN  1136 1_555 ? ? ? ? ? ? ? 2.326 ? ? 
metalc2 metalc ? ? A GLU 32 OE2 ? ? ? 2_555 C ZN  . ZN ? ? A GLU 97   A ZN  1136 1_555 ? ? ? ? ? ? ? 2.201 ? ? 
metalc3 metalc ? ? A GLU 57 OE1 ? ? ? 1_555 D ZN  . ZN ? ? A GLU 122  A ZN  1137 1_555 ? ? ? ? ? ? ? 2.627 ? ? 
metalc4 metalc ? ? A HIS 63 ND1 ? ? ? 1_555 B ZN  . ZN ? ? A HIS 128  A ZN  1135 1_555 ? ? ? ? ? ? ? 2.077 ? ? 
metalc5 metalc ? ? A ASP 66 OD2 ? ? ? 2_656 B ZN  . ZN ? ? A ASP 131  A ZN  1135 1_555 ? ? ? ? ? ? ? 2.380 ? ? 
metalc6 metalc ? ? A HIS 67 NE2 ? ? ? 1_555 B ZN  . ZN ? ? A HIS 132  A ZN  1135 1_555 ? ? ? ? ? ? ? 2.158 ? ? 
metalc7 metalc ? ? B ZN  .  ZN  ? ? ? 1_555 E HOH . O  ? ? A ZN  1135 A HOH 2002 1_555 ? ? ? ? ? ? ? 2.336 ? ? 
metalc8 metalc ? ? C ZN  .  ZN  ? ? ? 1_555 E HOH . O  ? ? A ZN  1136 A HOH 2071 1_555 ? ? ? ? ? ? ? 2.292 ? ? 
metalc9 metalc ? ? C ZN  .  ZN  ? ? ? 1_555 E HOH . O  ? ? A ZN  1136 A HOH 2072 1_555 ? ? ? ? ? ? ? 2.342 ? ? 
# 
_struct_conn_type.id          metalc 
_struct_conn_type.criteria    ? 
_struct_conn_type.reference   ? 
# 
loop_
_struct_site.id 
_struct_site.pdbx_evidence_code 
_struct_site.pdbx_auth_asym_id 
_struct_site.pdbx_auth_comp_id 
_struct_site.pdbx_auth_seq_id 
_struct_site.pdbx_auth_ins_code 
_struct_site.pdbx_num_residues 
_struct_site.details 
AC1 Software A ZN 1135 ? 4 'BINDING SITE FOR RESIDUE ZN A 1135' 
AC2 Software A ZN 1136 ? 4 'BINDING SITE FOR RESIDUE ZN A 1136' 
AC3 Software A ZN 1137 ? 3 'BINDING SITE FOR RESIDUE ZN A 1137' 
# 
loop_
_struct_site_gen.id 
_struct_site_gen.site_id 
_struct_site_gen.pdbx_num_res 
_struct_site_gen.label_comp_id 
_struct_site_gen.label_asym_id 
_struct_site_gen.label_seq_id 
_struct_site_gen.pdbx_auth_ins_code 
_struct_site_gen.auth_comp_id 
_struct_site_gen.auth_asym_id 
_struct_site_gen.auth_seq_id 
_struct_site_gen.label_atom_id 
_struct_site_gen.label_alt_id 
_struct_site_gen.symmetry 
_struct_site_gen.details 
1  AC1 4 HIS A 63 ? HIS A 128  . ? 1_555 ? 
2  AC1 4 ASP A 66 ? ASP A 131  . ? 2_656 ? 
3  AC1 4 HIS A 67 ? HIS A 132  . ? 1_555 ? 
4  AC1 4 HOH E .  ? HOH A 2002 . ? 1_555 ? 
5  AC2 4 HIS A 29 ? HIS A 94   . ? 1_555 ? 
6  AC2 4 GLU A 32 ? GLU A 97   . ? 2_555 ? 
7  AC2 4 HOH E .  ? HOH A 2071 . ? 1_555 ? 
8  AC2 4 HOH E .  ? HOH A 2072 . ? 1_555 ? 
9  AC3 3 GLU A 54 ? GLU A 119  . ? 1_555 ? 
10 AC3 3 GLU A 57 ? GLU A 122  . ? 1_555 ? 
11 AC3 3 HOH E .  ? HOH A 2056 . ? 1_555 ? 
# 
_atom_sites.entry_id                    4A3N 
_atom_sites.fract_transf_matrix[1][1]   -0.01172647 
_atom_sites.fract_transf_matrix[1][2]   -0.00538441 
_atom_sites.fract_transf_matrix[1][3]   -0.00450103 
_atom_sites.fract_transf_matrix[2][1]   0.02251910 
_atom_sites.fract_transf_matrix[2][2]   -0.02442852 
_atom_sites.fract_transf_matrix[2][3]   -0.02944578 
_atom_sites.fract_transf_matrix[3][1]   -0.00925488 
_atom_sites.fract_transf_matrix[3][2]   -0.01584415 
_atom_sites.fract_transf_matrix[3][3]   0.00606666 
_atom_sites.fract_transf_vector[1]      0.220871 
_atom_sites.fract_transf_vector[2]      -0.012585 
_atom_sites.fract_transf_vector[3]      0.330027 
# 
loop_
_atom_type.symbol 
C  
N  
O  
S  
ZN 
# 
loop_
_atom_site.group_PDB 
_atom_site.id 
_atom_site.type_symbol 
_atom_site.label_atom_id 
_atom_site.label_alt_id 
_atom_site.label_comp_id 
_atom_site.label_asym_id 
_atom_site.label_entity_id 
_atom_site.label_seq_id 
_atom_site.pdbx_PDB_ins_code 
_atom_site.Cartn_x 
_atom_site.Cartn_y 
_atom_site.Cartn_z 
_atom_site.occupancy 
_atom_site.B_iso_or_equiv 
_atom_site.pdbx_formal_charge 
_atom_site.auth_seq_id 
_atom_site.auth_comp_id 
_atom_site.auth_asym_id 
_atom_site.auth_atom_id 
_atom_site.pdbx_PDB_model_num 
ATOM   1   N  N   . ARG A 1 5  ? -8.642  -5.353  -11.224 1.00 90.27  ? 70   ARG A N   1 
ATOM   2   C  CA  . ARG A 1 5  ? -7.456  -4.455  -11.108 1.00 87.07  ? 70   ARG A CA  1 
ATOM   3   C  C   . ARG A 1 5  ? -7.337  -3.862  -9.706  1.00 79.91  ? 70   ARG A C   1 
ATOM   4   O  O   . ARG A 1 5  ? -6.947  -2.702  -9.540  1.00 76.72  ? 70   ARG A O   1 
ATOM   5   C  CB  . ARG A 1 5  ? -7.570  -3.335  -12.141 1.00 91.74  ? 70   ARG A CB  1 
ATOM   6   C  CG  . ARG A 1 5  ? -8.889  -2.574  -12.108 1.00 95.58  ? 70   ARG A CG  1 
ATOM   7   C  CD  . ARG A 1 5  ? -8.965  -1.614  -13.281 1.00 103.76 ? 70   ARG A CD  1 
ATOM   8   N  NE  . ARG A 1 5  ? -7.728  -0.847  -13.405 1.00 113.04 ? 70   ARG A NE  1 
ATOM   9   C  CZ  . ARG A 1 5  ? -7.471  0.020   -14.379 1.00 118.66 ? 70   ARG A CZ  1 
ATOM   10  N  NH1 . ARG A 1 5  ? -8.370  0.243   -15.330 1.00 122.13 ? 70   ARG A NH1 1 
ATOM   11  N  NH2 . ARG A 1 5  ? -6.311  0.663   -14.405 1.00 121.24 ? 70   ARG A NH2 1 
ATOM   12  N  N   . PRO A 1 6  ? -7.645  -4.667  -8.672  1.00 67.08  ? 71   PRO A N   1 
ATOM   13  C  CA  . PRO A 1 6  ? -7.569  -4.192  -7.290  1.00 59.17  ? 71   PRO A CA  1 
ATOM   14  C  C   . PRO A 1 6  ? -6.141  -3.970  -6.812  1.00 54.84  ? 71   PRO A C   1 
ATOM   15  O  O   . PRO A 1 6  ? -5.190  -4.514  -7.378  1.00 55.14  ? 71   PRO A O   1 
ATOM   16  C  CB  . PRO A 1 6  ? -8.292  -5.290  -6.514  1.00 31.78  ? 71   PRO A CB  1 
ATOM   17  C  CG  . PRO A 1 6  ? -7.882  -6.520  -7.246  1.00 35.78  ? 71   PRO A CG  1 
ATOM   18  C  CD  . PRO A 1 6  ? -7.953  -6.111  -8.714  1.00 43.25  ? 71   PRO A CD  1 
ATOM   19  N  N   . MET A 1 7  ? -5.998  -3.149  -5.776  1.00 42.83  ? 72   MET A N   1 
ATOM   20  C  CA  . MET A 1 7  ? -4.686  -2.858  -5.219  1.00 39.91  ? 72   MET A CA  1 
ATOM   21  C  C   . MET A 1 7  ? -4.120  -4.110  -4.551  1.00 36.45  ? 72   MET A C   1 
ATOM   22  O  O   . MET A 1 7  ? -4.871  -4.918  -3.997  1.00 31.54  ? 72   MET A O   1 
ATOM   23  C  CB  . MET A 1 7  ? -4.775  -1.756  -4.154  1.00 40.64  ? 72   MET A CB  1 
ATOM   24  C  CG  . MET A 1 7  ? -5.497  -0.470  -4.537  1.00 32.83  ? 72   MET A CG  1 
ATOM   25  S  SD  . MET A 1 7  ? -5.298  0.733   -3.157  1.00 44.49  ? 72   MET A SD  1 
ATOM   26  C  CE  . MET A 1 7  ? -6.797  0.440   -2.164  1.00 29.17  ? 72   MET A CE  1 
ATOM   27  N  N   . ASN A 1 8  ? -2.801  -4.273  -4.612  1.00 32.14  ? 73   ASN A N   1 
ATOM   28  C  CA  . ASN A 1 8  ? -2.154  -5.393  -3.946  1.00 28.40  ? 73   ASN A CA  1 
ATOM   29  C  C   . ASN A 1 8  ? -1.854  -4.944  -2.511  1.00 28.20  ? 73   ASN A C   1 
ATOM   30  O  O   . ASN A 1 8  ? -2.131  -3.792  -2.145  1.00 21.16  ? 73   ASN A O   1 
ATOM   31  C  CB  . ASN A 1 8  ? -0.857  -5.793  -4.649  1.00 35.59  ? 73   ASN A CB  1 
ATOM   32  C  CG  . ASN A 1 8  ? 0.060   -4.615  -4.913  1.00 33.14  ? 73   ASN A CG  1 
ATOM   33  O  OD1 . ASN A 1 8  ? 0.029   -3.608  -4.206  1.00 35.66  ? 73   ASN A OD1 1 
ATOM   34  N  ND2 . ASN A 1 8  ? 0.895   -4.746  -5.930  1.00 32.85  ? 73   ASN A ND2 1 
ATOM   35  N  N   . ALA A 1 9  ? -1.279  -5.848  -1.713  1.00 18.39  ? 74   ALA A N   1 
ATOM   36  C  CA  . ALA A 1 9  ? -0.974  -5.569  -0.311  1.00 18.15  ? 74   ALA A CA  1 
ATOM   37  C  C   . ALA A 1 9  ? -0.181  -4.274  -0.121  1.00 22.10  ? 74   ALA A C   1 
ATOM   38  O  O   . ALA A 1 9  ? -0.498  -3.452  0.751   1.00 19.66  ? 74   ALA A O   1 
ATOM   39  C  CB  . ALA A 1 9  ? -0.202  -6.765  0.312   1.00 16.15  ? 74   ALA A CB  1 
ATOM   40  N  N   . PHE A 1 10 ? 0.856   -4.102  -0.935  1.00 28.53  ? 75   PHE A N   1 
ATOM   41  C  CA  . PHE A 1 10 ? 1.694   -2.920  -0.860  1.00 30.16  ? 75   PHE A CA  1 
ATOM   42  C  C   . PHE A 1 10 ? 0.900   -1.635  -1.119  1.00 30.10  ? 75   PHE A C   1 
ATOM   43  O  O   . PHE A 1 10 ? 1.011   -0.678  -0.352  1.00 27.30  ? 75   PHE A O   1 
ATOM   44  C  CB  . PHE A 1 10 ? 2.841   -3.027  -1.866  1.00 29.99  ? 75   PHE A CB  1 
ATOM   45  C  CG  . PHE A 1 10 ? 3.603   -1.746  -2.040  1.00 33.76  ? 75   PHE A CG  1 
ATOM   46  C  CD1 . PHE A 1 10 ? 4.493   -1.315  -1.065  1.00 29.95  ? 75   PHE A CD1 1 
ATOM   47  C  CD2 . PHE A 1 10 ? 3.386   -0.936  -3.160  1.00 35.33  ? 75   PHE A CD2 1 
ATOM   48  C  CE1 . PHE A 1 10 ? 5.161   -0.091  -1.191  1.00 30.83  ? 75   PHE A CE1 1 
ATOM   49  C  CE2 . PHE A 1 10 ? 4.045   0.291   -3.303  1.00 34.74  ? 75   PHE A CE2 1 
ATOM   50  C  CZ  . PHE A 1 10 ? 4.937   0.716   -2.314  1.00 36.79  ? 75   PHE A CZ  1 
ATOM   51  N  N   . MET A 1 11 ? 0.104   -1.617  -2.192  1.00 27.70  ? 76   MET A N   1 
ATOM   52  C  CA  . MET A 1 11 ? -0.691  -0.435  -2.541  1.00 23.00  ? 76   MET A CA  1 
ATOM   53  C  C   . MET A 1 11 ? -1.642  -0.133  -1.404  1.00 28.09  ? 76   MET A C   1 
ATOM   54  O  O   . MET A 1 11 ? -1.788  1.014   -0.985  1.00 23.38  ? 76   MET A O   1 
ATOM   55  C  CB  . MET A 1 11 ? -1.504  -0.668  -3.825  1.00 34.85  ? 76   MET A CB  1 
ATOM   56  C  CG  . MET A 1 11 ? -0.698  -0.696  -5.127  1.00 39.16  ? 76   MET A CG  1 
ATOM   57  S  SD  . MET A 1 11 ? -1.776  -1.073  -6.554  1.00 49.89  ? 76   MET A SD  1 
ATOM   58  C  CE  . MET A 1 11 ? -1.106  -2.583  -7.137  1.00 29.50  ? 76   MET A CE  1 
ATOM   59  N  N   . VAL A 1 12 ? -2.301  -1.174  -0.904  1.00 22.46  ? 77   VAL A N   1 
ATOM   60  C  CA  . VAL A 1 12 ? -3.218  -0.991  0.201   1.00 23.44  ? 77   VAL A CA  1 
ATOM   61  C  C   . VAL A 1 12 ? -2.500  -0.314  1.361   1.00 25.42  ? 77   VAL A C   1 
ATOM   62  O  O   . VAL A 1 12 ? -2.968  0.685   1.890   1.00 26.88  ? 77   VAL A O   1 
ATOM   63  C  CB  . VAL A 1 12 ? -3.788  -2.340  0.685   1.00 37.67  ? 77   VAL A CB  1 
ATOM   64  C  CG1 . VAL A 1 12 ? -4.604  -2.130  1.971   1.00 29.59  ? 77   VAL A CG1 1 
ATOM   65  C  CG2 . VAL A 1 12 ? -4.651  -2.959  -0.424  1.00 28.17  ? 77   VAL A CG2 1 
ATOM   66  N  N   . TRP A 1 13 ? -1.356  -0.860  1.757   1.00 31.01  ? 78   TRP A N   1 
ATOM   67  C  CA  . TRP A 1 13 ? -0.599  -0.282  2.858   1.00 30.77  ? 78   TRP A CA  1 
ATOM   68  C  C   . TRP A 1 13 ? -0.033  1.104   2.533   1.00 35.00  ? 78   TRP A C   1 
ATOM   69  O  O   . TRP A 1 13 ? 0.020   1.983   3.397   1.00 33.65  ? 78   TRP A O   1 
ATOM   70  C  CB  . TRP A 1 13 ? 0.556   -1.205  3.228   1.00 30.20  ? 78   TRP A CB  1 
ATOM   71  C  CG  . TRP A 1 13 ? 1.555   -0.577  4.132   1.00 29.50  ? 78   TRP A CG  1 
ATOM   72  C  CD1 . TRP A 1 13 ? 1.533   -0.556  5.500   1.00 29.04  ? 78   TRP A CD1 1 
ATOM   73  C  CD2 . TRP A 1 13 ? 2.760   0.089   3.737   1.00 23.22  ? 78   TRP A CD2 1 
ATOM   74  N  NE1 . TRP A 1 13 ? 2.663   0.074   5.977   1.00 30.83  ? 78   TRP A NE1 1 
ATOM   75  C  CE2 . TRP A 1 13 ? 3.428   0.480   4.916   1.00 18.99  ? 78   TRP A CE2 1 
ATOM   76  C  CE3 . TRP A 1 13 ? 3.342   0.388   2.497   1.00 29.53  ? 78   TRP A CE3 1 
ATOM   77  C  CZ2 . TRP A 1 13 ? 4.648   1.154   4.896   1.00 33.07  ? 78   TRP A CZ2 1 
ATOM   78  C  CZ3 . TRP A 1 13 ? 4.558   1.059   2.473   1.00 34.23  ? 78   TRP A CZ3 1 
ATOM   79  C  CH2 . TRP A 1 13 ? 5.198   1.435   3.668   1.00 30.98  ? 78   TRP A CH2 1 
ATOM   80  N  N   . ALA A 1 14 ? 0.395   1.294   1.291   1.00 20.90  ? 79   ALA A N   1 
ATOM   81  C  CA  . ALA A 1 14 ? 0.989   2.564   0.901   1.00 36.44  ? 79   ALA A CA  1 
ATOM   82  C  C   . ALA A 1 14 ? 0.021   3.742   0.889   1.00 42.71  ? 79   ALA A C   1 
ATOM   83  O  O   . ALA A 1 14 ? 0.399   4.856   1.254   1.00 39.64  ? 79   ALA A O   1 
ATOM   84  C  CB  . ALA A 1 14 ? 1.658   2.431   -0.466  1.00 26.80  ? 79   ALA A CB  1 
ATOM   85  N  N   . LYS A 1 15 ? -1.215  3.492   0.465   1.00 52.84  ? 80   LYS A N   1 
ATOM   86  C  CA  . LYS A 1 15 ? -2.241  4.532   0.367   1.00 58.34  ? 80   LYS A CA  1 
ATOM   87  C  C   . LYS A 1 15 ? -2.278  5.482   1.564   1.00 58.92  ? 80   LYS A C   1 
ATOM   88  O  O   . LYS A 1 15 ? -2.502  6.685   1.419   1.00 57.71  ? 80   LYS A O   1 
ATOM   89  C  CB  . LYS A 1 15 ? -3.616  3.884   0.192   1.00 56.31  ? 80   LYS A CB  1 
ATOM   90  C  CG  . LYS A 1 15 ? -4.733  4.880   -0.012  1.00 62.87  ? 80   LYS A CG  1 
ATOM   91  C  CD  . LYS A 1 15 ? -6.103  4.235   0.114   1.00 67.46  ? 80   LYS A CD  1 
ATOM   92  C  CE  . LYS A 1 15 ? -7.206  5.252   -0.159  1.00 71.97  ? 80   LYS A CE  1 
ATOM   93  N  NZ  . LYS A 1 15 ? -7.062  6.480   0.678   1.00 69.63  ? 80   LYS A NZ  1 
ATOM   94  N  N   . ASP A 1 16 ? -2.058  4.929   2.749   1.00 55.44  ? 81   ASP A N   1 
ATOM   95  C  CA  . ASP A 1 16 ? -2.072  5.707   3.977   1.00 53.17  ? 81   ASP A CA  1 
ATOM   96  C  C   . ASP A 1 16 ? -0.694  6.259   4.302   1.00 49.10  ? 81   ASP A C   1 
ATOM   97  O  O   . ASP A 1 16 ? -0.550  7.393   4.766   1.00 48.88  ? 81   ASP A O   1 
ATOM   98  C  CB  . ASP A 1 16 ? -2.573  4.833   5.136   1.00 75.78  ? 81   ASP A CB  1 
ATOM   99  C  CG  . ASP A 1 16 ? -2.266  3.349   4.931   1.00 86.79  ? 81   ASP A CG  1 
ATOM   100 O  OD1 . ASP A 1 16 ? -2.841  2.738   4.003   1.00 83.35  ? 81   ASP A OD1 1 
ATOM   101 O  OD2 . ASP A 1 16 ? -1.448  2.790   5.694   1.00 94.00  ? 81   ASP A OD2 1 
ATOM   102 N  N   . GLU A 1 17 ? 0.325   5.450   4.069   1.00 38.01  ? 82   GLU A N   1 
ATOM   103 C  CA  . GLU A 1 17 ? 1.687   5.876   4.348   1.00 43.34  ? 82   GLU A CA  1 
ATOM   104 C  C   . GLU A 1 17 ? 2.109   7.013   3.434   1.00 43.16  ? 82   GLU A C   1 
ATOM   105 O  O   . GLU A 1 17 ? 2.908   7.861   3.819   1.00 36.33  ? 82   GLU A O   1 
ATOM   106 C  CB  . GLU A 1 17 ? 2.650   4.700   4.192   1.00 50.54  ? 82   GLU A CB  1 
ATOM   107 C  CG  . GLU A 1 17 ? 2.892   3.955   5.487   1.00 63.90  ? 82   GLU A CG  1 
ATOM   108 C  CD  . GLU A 1 17 ? 3.684   4.782   6.487   1.00 70.01  ? 82   GLU A CD  1 
ATOM   109 O  OE1 . GLU A 1 17 ? 4.061   5.928   6.151   1.00 70.82  ? 82   GLU A OE1 1 
ATOM   110 O  OE2 . GLU A 1 17 ? 3.933   4.285   7.607   1.00 74.74  ? 82   GLU A OE2 1 
ATOM   111 N  N   . ARG A 1 18 ? 1.551   7.034   2.229   1.00 42.48  ? 83   ARG A N   1 
ATOM   112 C  CA  . ARG A 1 18 ? 1.894   8.051   1.260   1.00 45.22  ? 83   ARG A CA  1 
ATOM   113 C  C   . ARG A 1 18 ? 1.345   9.401   1.668   1.00 51.85  ? 83   ARG A C   1 
ATOM   114 O  O   . ARG A 1 18 ? 2.082   10.391  1.684   1.00 53.28  ? 83   ARG A O   1 
ATOM   115 C  CB  . ARG A 1 18 ? 1.366   7.672   -0.128  1.00 49.16  ? 83   ARG A CB  1 
ATOM   116 C  CG  . ARG A 1 18 ? 1.999   8.486   -1.242  1.00 56.34  ? 83   ARG A CG  1 
ATOM   117 C  CD  . ARG A 1 18 ? 1.444   8.170   -2.626  1.00 58.04  ? 83   ARG A CD  1 
ATOM   118 N  NE  . ARG A 1 18 ? 1.649   6.783   -3.033  1.00 61.35  ? 83   ARG A NE  1 
ATOM   119 C  CZ  . ARG A 1 18 ? 0.822   5.784   -2.736  1.00 65.90  ? 83   ARG A CZ  1 
ATOM   120 N  NH1 . ARG A 1 18 ? -0.276  6.014   -2.026  1.00 67.02  ? 83   ARG A NH1 1 
ATOM   121 N  NH2 . ARG A 1 18 ? 1.090   4.551   -3.157  1.00 64.48  ? 83   ARG A NH2 1 
ATOM   122 N  N   . LYS A 1 19 ? 0.056   9.442   1.998   1.00 64.93  ? 84   LYS A N   1 
ATOM   123 C  CA  . LYS A 1 19 ? -0.584  10.691  2.398   1.00 65.19  ? 84   LYS A CA  1 
ATOM   124 C  C   . LYS A 1 19 ? 0.093   11.320  3.604   1.00 62.11  ? 84   LYS A C   1 
ATOM   125 O  O   . LYS A 1 19 ? 0.260   12.533  3.659   1.00 65.07  ? 84   LYS A O   1 
ATOM   126 C  CB  . LYS A 1 19 ? -2.066  10.469  2.704   1.00 69.40  ? 84   LYS A CB  1 
ATOM   127 C  CG  . LYS A 1 19 ? -2.915  10.158  1.483   1.00 76.94  ? 84   LYS A CG  1 
ATOM   128 C  CD  . LYS A 1 19 ? -4.392  10.101  1.843   1.00 80.64  ? 84   LYS A CD  1 
ATOM   129 C  CE  . LYS A 1 19 ? -5.250  9.757   0.633   1.00 87.12  ? 84   LYS A CE  1 
ATOM   130 N  NZ  . LYS A 1 19 ? -4.958  8.397   0.093   1.00 85.75  ? 84   LYS A NZ  1 
ATOM   131 N  N   . ARG A 1 20 ? 0.493   10.496  4.565   1.00 47.64  ? 85   ARG A N   1 
ATOM   132 C  CA  . ARG A 1 20 ? 1.150   10.997  5.764   1.00 48.74  ? 85   ARG A CA  1 
ATOM   133 C  C   . ARG A 1 20 ? 2.507   11.632  5.477   1.00 55.11  ? 85   ARG A C   1 
ATOM   134 O  O   . ARG A 1 20 ? 2.957   12.509  6.217   1.00 56.91  ? 85   ARG A O   1 
ATOM   135 C  CB  . ARG A 1 20 ? 1.358   9.876   6.774   1.00 47.19  ? 85   ARG A CB  1 
ATOM   136 C  CG  . ARG A 1 20 ? 1.834   10.388  8.120   1.00 46.75  ? 85   ARG A CG  1 
ATOM   137 C  CD  . ARG A 1 20 ? 2.524   9.311   8.920   1.00 53.57  ? 85   ARG A CD  1 
ATOM   138 N  NE  . ARG A 1 20 ? 3.846   9.005   8.387   1.00 58.93  ? 85   ARG A NE  1 
ATOM   139 C  CZ  . ARG A 1 20 ? 4.640   8.062   8.877   1.00 63.48  ? 85   ARG A CZ  1 
ATOM   140 N  NH1 . ARG A 1 20 ? 4.236   7.332   9.911   1.00 68.42  ? 85   ARG A NH1 1 
ATOM   141 N  NH2 . ARG A 1 20 ? 5.835   7.854   8.339   1.00 62.58  ? 85   ARG A NH2 1 
ATOM   142 N  N   . LEU A 1 21 ? 3.162   11.176  4.414   1.00 66.85  ? 86   LEU A N   1 
ATOM   143 C  CA  . LEU A 1 21 ? 4.477   11.688  4.037   1.00 65.46  ? 86   LEU A CA  1 
ATOM   144 C  C   . LEU A 1 21 ? 4.366   12.863  3.085   1.00 66.27  ? 86   LEU A C   1 
ATOM   145 O  O   . LEU A 1 21 ? 5.152   13.803  3.156   1.00 68.91  ? 86   LEU A O   1 
ATOM   146 C  CB  . LEU A 1 21 ? 5.302   10.581  3.380   1.00 52.39  ? 86   LEU A CB  1 
ATOM   147 C  CG  . LEU A 1 21 ? 5.840   9.463   4.272   1.00 46.74  ? 86   LEU A CG  1 
ATOM   148 C  CD1 . LEU A 1 21 ? 6.210   8.253   3.419   1.00 46.92  ? 86   LEU A CD1 1 
ATOM   149 C  CD2 . LEU A 1 21 ? 7.045   9.969   5.048   1.00 38.53  ? 86   LEU A CD2 1 
ATOM   150 N  N   . ALA A 1 22 ? 3.385   12.797  2.195   1.00 53.09  ? 87   ALA A N   1 
ATOM   151 C  CA  . ALA A 1 22 ? 3.162   13.848  1.210   1.00 62.88  ? 87   ALA A CA  1 
ATOM   152 C  C   . ALA A 1 22 ? 2.450   15.064  1.797   1.00 71.04  ? 87   ALA A C   1 
ATOM   153 O  O   . ALA A 1 22 ? 2.684   16.193  1.361   1.00 70.84  ? 87   ALA A O   1 
ATOM   154 C  CB  . ALA A 1 22 ? 2.363   13.296  0.033   1.00 78.92  ? 87   ALA A CB  1 
ATOM   155 N  N   . GLN A 1 23 ? 1.571   14.832  2.770   1.00 128.24 ? 88   GLN A N   1 
ATOM   156 C  CA  . GLN A 1 23 ? 0.841   15.923  3.410   1.00 129.64 ? 88   GLN A CA  1 
ATOM   157 C  C   . GLN A 1 23 ? 1.692   16.497  4.528   1.00 127.80 ? 88   GLN A C   1 
ATOM   158 O  O   . GLN A 1 23 ? 1.181   17.093  5.473   1.00 131.30 ? 88   GLN A O   1 
ATOM   159 C  CB  . GLN A 1 23 ? -0.488  15.432  3.985   1.00 89.29  ? 88   GLN A CB  1 
ATOM   160 C  CG  . GLN A 1 23 ? -1.456  14.878  2.955   1.00 95.35  ? 88   GLN A CG  1 
ATOM   161 C  CD  . GLN A 1 23 ? -2.776  14.456  3.571   1.00 99.21  ? 88   GLN A CD  1 
ATOM   162 O  OE1 . GLN A 1 23 ? -2.816  13.611  4.468   1.00 99.43  ? 88   GLN A OE1 1 
ATOM   163 N  NE2 . GLN A 1 23 ? -3.867  15.045  3.093   1.00 103.19 ? 88   GLN A NE2 1 
ATOM   164 N  N   . GLN A 1 24 ? 2.997   16.299  4.418   1.00 85.14  ? 89   GLN A N   1 
ATOM   165 C  CA  . GLN A 1 24 ? 3.924   16.806  5.410   1.00 80.27  ? 89   GLN A CA  1 
ATOM   166 C  C   . GLN A 1 24 ? 5.193   17.347  4.772   1.00 80.59  ? 89   GLN A C   1 
ATOM   167 O  O   . GLN A 1 24 ? 5.859   18.219  5.333   1.00 86.40  ? 89   GLN A O   1 
ATOM   168 C  CB  . GLN A 1 24 ? 4.283   15.709  6.401   1.00 57.67  ? 89   GLN A CB  1 
ATOM   169 C  CG  . GLN A 1 24 ? 3.385   15.674  7.595   1.00 59.24  ? 89   GLN A CG  1 
ATOM   170 C  CD  . GLN A 1 24 ? 3.830   14.652  8.619   1.00 60.63  ? 89   GLN A CD  1 
ATOM   171 O  OE1 . GLN A 1 24 ? 5.016   14.566  8.962   1.00 51.95  ? 89   GLN A OE1 1 
ATOM   172 N  NE2 . GLN A 1 24 ? 2.881   13.876  9.123   1.00 55.79  ? 89   GLN A NE2 1 
ATOM   173 N  N   . ASN A 1 25 ? 5.530   16.825  3.598   1.00 67.92  ? 90   ASN A N   1 
ATOM   174 C  CA  . ASN A 1 25 ? 6.738   17.248  2.899   1.00 60.50  ? 90   ASN A CA  1 
ATOM   175 C  C   . ASN A 1 25 ? 6.426   17.619  1.460   1.00 61.87  ? 90   ASN A C   1 
ATOM   176 O  O   . ASN A 1 25 ? 6.572   16.798  0.549   1.00 55.04  ? 90   ASN A O   1 
ATOM   177 C  CB  . ASN A 1 25 ? 7.763   16.125  2.942   1.00 49.55  ? 90   ASN A CB  1 
ATOM   178 C  CG  . ASN A 1 25 ? 8.087   15.698  4.358   1.00 45.58  ? 90   ASN A CG  1 
ATOM   179 O  OD1 . ASN A 1 25 ? 8.940   14.864  4.569   1.00 29.64  ? 90   ASN A OD1 1 
ATOM   180 N  ND2 . ASN A 1 25 ? 7.399   16.278  5.339   1.00 47.33  ? 90   ASN A ND2 1 
ATOM   181 N  N   . PRO A 1 26 ? 5.992   18.873  1.242   1.00 67.52  ? 91   PRO A N   1 
ATOM   182 C  CA  . PRO A 1 26 ? 5.633   19.430  -0.069  1.00 67.73  ? 91   PRO A CA  1 
ATOM   183 C  C   . PRO A 1 26 ? 6.798   19.393  -1.041  1.00 66.26  ? 91   PRO A C   1 
ATOM   184 O  O   . PRO A 1 26 ? 6.620   19.311  -2.257  1.00 65.65  ? 91   PRO A O   1 
ATOM   185 C  CB  . PRO A 1 26 ? 5.208   20.857  0.271   1.00 62.79  ? 91   PRO A CB  1 
ATOM   186 C  CG  . PRO A 1 26 ? 6.071   21.182  1.457   1.00 63.99  ? 91   PRO A CG  1 
ATOM   187 C  CD  . PRO A 1 26 ? 5.965   19.919  2.279   1.00 59.61  ? 91   PRO A CD  1 
ATOM   188 N  N   . ASP A 1 27 ? 7.995   19.443  -0.475  1.00 59.90  ? 92   ASP A N   1 
ATOM   189 C  CA  . ASP A 1 27 ? 9.231   19.428  -1.237  1.00 60.81  ? 92   ASP A CA  1 
ATOM   190 C  C   . ASP A 1 27 ? 9.711   18.019  -1.567  1.00 59.43  ? 92   ASP A C   1 
ATOM   191 O  O   . ASP A 1 27 ? 10.538  17.838  -2.461  1.00 63.81  ? 92   ASP A O   1 
ATOM   192 C  CB  . ASP A 1 27 ? 10.294  20.171  -0.445  1.00 58.82  ? 92   ASP A CB  1 
ATOM   193 C  CG  . ASP A 1 27 ? 10.174  19.916  1.041   1.00 63.95  ? 92   ASP A CG  1 
ATOM   194 O  OD1 . ASP A 1 27 ? 9.326   19.070  1.430   1.00 48.40  ? 92   ASP A OD1 1 
ATOM   195 O  OD2 . ASP A 1 27 ? 10.921  20.559  1.812   1.00 53.29  ? 92   ASP A OD2 1 
ATOM   196 N  N   . LEU A 1 28 ? 9.201   17.021  -0.852  1.00 45.16  ? 93   LEU A N   1 
ATOM   197 C  CA  . LEU A 1 28 ? 9.606   15.651  -1.123  1.00 40.37  ? 93   LEU A CA  1 
ATOM   198 C  C   . LEU A 1 28 ? 9.009   15.168  -2.438  1.00 41.88  ? 93   LEU A C   1 
ATOM   199 O  O   . LEU A 1 28 ? 7.795   14.987  -2.560  1.00 43.98  ? 93   LEU A O   1 
ATOM   200 C  CB  . LEU A 1 28 ? 9.194   14.726  0.024   1.00 50.18  ? 93   LEU A CB  1 
ATOM   201 C  CG  . LEU A 1 28 ? 9.598   13.248  -0.078  1.00 53.32  ? 93   LEU A CG  1 
ATOM   202 C  CD1 . LEU A 1 28 ? 9.591   12.610  1.303   1.00 60.09  ? 93   LEU A CD1 1 
ATOM   203 C  CD2 . LEU A 1 28 ? 8.644   12.512  -1.002  1.00 52.90  ? 93   LEU A CD2 1 
ATOM   204 N  N   . HIS A 1 29 ? 9.884   14.965  -3.418  1.00 41.30  ? 94   HIS A N   1 
ATOM   205 C  CA  . HIS A 1 29 ? 9.504   14.502  -4.748  1.00 38.16  ? 94   HIS A CA  1 
ATOM   206 C  C   . HIS A 1 29 ? 8.797   13.149  -4.706  1.00 41.42  ? 94   HIS A C   1 
ATOM   207 O  O   . HIS A 1 29 ? 9.093   12.304  -3.855  1.00 28.89  ? 94   HIS A O   1 
ATOM   208 C  CB  . HIS A 1 29 ? 10.752  14.389  -5.631  1.00 35.14  ? 94   HIS A CB  1 
ATOM   209 C  CG  . HIS A 1 29 ? 11.539  15.660  -5.733  1.00 41.49  ? 94   HIS A CG  1 
ATOM   210 N  ND1 . HIS A 1 29 ? 12.788  15.718  -6.313  1.00 42.00  ? 94   HIS A ND1 1 
ATOM   211 C  CD2 . HIS A 1 29 ? 11.264  16.917  -5.309  1.00 44.30  ? 94   HIS A CD2 1 
ATOM   212 C  CE1 . HIS A 1 29 ? 13.251  16.951  -6.238  1.00 33.79  ? 94   HIS A CE1 1 
ATOM   213 N  NE2 . HIS A 1 29 ? 12.345  17.699  -5.632  1.00 45.39  ? 94   HIS A NE2 1 
ATOM   214 N  N   . ASN A 1 30 ? 7.877   12.952  -5.647  1.00 45.02  ? 95   ASN A N   1 
ATOM   215 C  CA  . ASN A 1 30 ? 7.111   11.720  -5.743  1.00 52.69  ? 95   ASN A CA  1 
ATOM   216 C  C   . ASN A 1 30 ? 7.956   10.485  -6.005  1.00 50.63  ? 95   ASN A C   1 
ATOM   217 O  O   . ASN A 1 30 ? 7.741   9.447   -5.370  1.00 44.93  ? 95   ASN A O   1 
ATOM   218 C  CB  . ASN A 1 30 ? 6.041   11.838  -6.829  1.00 80.43  ? 95   ASN A CB  1 
ATOM   219 C  CG  . ASN A 1 30 ? 4.735   12.374  -6.292  1.00 91.08  ? 95   ASN A CG  1 
ATOM   220 O  OD1 . ASN A 1 30 ? 4.155   11.803  -5.367  1.00 91.57  ? 95   ASN A OD1 1 
ATOM   221 N  ND2 . ASN A 1 30 ? 4.259   13.472  -6.868  1.00 96.03  ? 95   ASN A ND2 1 
ATOM   222 N  N   . ALA A 1 31 ? 8.902   10.599  -6.938  1.00 45.31  ? 96   ALA A N   1 
ATOM   223 C  CA  . ALA A 1 31 ? 9.781   9.487   -7.283  1.00 42.22  ? 96   ALA A CA  1 
ATOM   224 C  C   . ALA A 1 31 ? 10.456  8.944   -6.028  1.00 42.58  ? 96   ALA A C   1 
ATOM   225 O  O   . ALA A 1 31 ? 10.492  7.731   -5.807  1.00 43.30  ? 96   ALA A O   1 
ATOM   226 C  CB  . ALA A 1 31 ? 10.824  9.937   -8.288  1.00 34.04  ? 96   ALA A CB  1 
ATOM   227 N  N   . GLU A 1 32 ? 10.974  9.852   -5.207  1.00 38.73  ? 97   GLU A N   1 
ATOM   228 C  CA  . GLU A 1 32 ? 11.644  9.490   -3.958  1.00 40.36  ? 97   GLU A CA  1 
ATOM   229 C  C   . GLU A 1 32 ? 10.646  8.920   -2.954  1.00 37.21  ? 97   GLU A C   1 
ATOM   230 O  O   . GLU A 1 32 ? 10.969  8.015   -2.178  1.00 31.50  ? 97   GLU A O   1 
ATOM   231 C  CB  . GLU A 1 32 ? 12.324  10.724  -3.355  1.00 46.73  ? 97   GLU A CB  1 
ATOM   232 C  CG  . GLU A 1 32 ? 12.746  10.594  -1.891  1.00 42.89  ? 97   GLU A CG  1 
ATOM   233 C  CD  . GLU A 1 32 ? 13.940  9.677   -1.674  1.00 52.27  ? 97   GLU A CD  1 
ATOM   234 O  OE1 . GLU A 1 32 ? 14.610  9.290   -2.662  1.00 40.15  ? 97   GLU A OE1 1 
ATOM   235 O  OE2 . GLU A 1 32 ? 14.214  9.358   -0.494  1.00 48.21  ? 97   GLU A OE2 1 
ATOM   236 N  N   . LEU A 1 33 ? 9.437   9.464   -2.978  1.00 37.30  ? 98   LEU A N   1 
ATOM   237 C  CA  . LEU A 1 33 ? 8.372   9.026   -2.086  1.00 39.56  ? 98   LEU A CA  1 
ATOM   238 C  C   . LEU A 1 33 ? 8.114   7.535   -2.331  1.00 38.14  ? 98   LEU A C   1 
ATOM   239 O  O   . LEU A 1 33 ? 8.032   6.737   -1.391  1.00 25.86  ? 98   LEU A O   1 
ATOM   240 C  CB  . LEU A 1 33 ? 7.104   9.839   -2.367  1.00 57.04  ? 98   LEU A CB  1 
ATOM   241 C  CG  . LEU A 1 33 ? 5.907   9.684   -1.426  1.00 61.89  ? 98   LEU A CG  1 
ATOM   242 C  CD1 . LEU A 1 33 ? 6.329   9.900   0.021   1.00 58.62  ? 98   LEU A CD1 1 
ATOM   243 C  CD2 . LEU A 1 33 ? 4.841   10.694  -1.826  1.00 70.53  ? 98   LEU A CD2 1 
ATOM   244 N  N   . SER A 1 34 ? 8.017   7.184   -3.611  1.00 38.04  ? 99   SER A N   1 
ATOM   245 C  CA  . SER A 1 34 ? 7.785   5.819   -4.044  1.00 41.97  ? 99   SER A CA  1 
ATOM   246 C  C   . SER A 1 34 ? 8.947   4.941   -3.638  1.00 42.41  ? 99   SER A C   1 
ATOM   247 O  O   . SER A 1 34 ? 8.761   3.786   -3.264  1.00 48.72  ? 99   SER A O   1 
ATOM   248 C  CB  . SER A 1 34 ? 7.636   5.764   -5.564  1.00 39.40  ? 99   SER A CB  1 
ATOM   249 O  OG  . SER A 1 34 ? 6.612   6.630   -5.997  1.00 51.18  ? 99   SER A OG  1 
ATOM   250 N  N   . LYS A 1 35 ? 10.149  5.493   -3.719  1.00 33.57  ? 100  LYS A N   1 
ATOM   251 C  CA  . LYS A 1 35 ? 11.346  4.741   -3.377  1.00 34.70  ? 100  LYS A CA  1 
ATOM   252 C  C   . LYS A 1 35 ? 11.403  4.420   -1.877  1.00 34.42  ? 100  LYS A C   1 
ATOM   253 O  O   . LYS A 1 35 ? 11.730  3.299   -1.489  1.00 32.77  ? 100  LYS A O   1 
ATOM   254 C  CB  . LYS A 1 35 ? 12.581  5.529   -3.823  1.00 38.82  ? 100  LYS A CB  1 
ATOM   255 C  CG  . LYS A 1 35 ? 13.804  4.678   -4.068  1.00 43.12  ? 100  LYS A CG  1 
ATOM   256 C  CD  . LYS A 1 35 ? 14.895  5.463   -4.790  1.00 45.66  ? 100  LYS A CD  1 
ATOM   257 C  CE  . LYS A 1 35 ? 15.455  6.588   -3.936  1.00 47.81  ? 100  LYS A CE  1 
ATOM   258 N  NZ  . LYS A 1 35 ? 16.512  7.344   -4.663  1.00 56.50  ? 100  LYS A NZ  1 
ATOM   259 N  N   . MET A 1 36 ? 11.085  5.403   -1.037  1.00 42.04  ? 101  MET A N   1 
ATOM   260 C  CA  . MET A 1 36 ? 11.088  5.205   0.411   1.00 40.04  ? 101  MET A CA  1 
ATOM   261 C  C   . MET A 1 36 ? 10.033  4.146   0.747   1.00 37.96  ? 101  MET A C   1 
ATOM   262 O  O   . MET A 1 36 ? 10.277  3.211   1.517   1.00 34.16  ? 101  MET A O   1 
ATOM   263 C  CB  . MET A 1 36 ? 10.693  6.488   1.142   1.00 38.36  ? 101  MET A CB  1 
ATOM   264 C  CG  . MET A 1 36 ? 11.504  7.717   0.836   1.00 43.59  ? 101  MET A CG  1 
ATOM   265 S  SD  . MET A 1 36 ? 10.701  9.165   1.588   1.00 50.54  ? 101  MET A SD  1 
ATOM   266 C  CE  . MET A 1 36 ? 11.014  8.840   3.335   1.00 50.62  ? 101  MET A CE  1 
ATOM   267 N  N   . LEU A 1 37 ? 8.854   4.319   0.166   1.00 24.06  ? 102  LEU A N   1 
ATOM   268 C  CA  . LEU A 1 37 ? 7.752   3.404   0.402   1.00 33.83  ? 102  LEU A CA  1 
ATOM   269 C  C   . LEU A 1 37 ? 8.152   1.989   -0.007  1.00 29.16  ? 102  LEU A C   1 
ATOM   270 O  O   . LEU A 1 37 ? 7.916   1.033   0.729   1.00 30.77  ? 102  LEU A O   1 
ATOM   271 C  CB  . LEU A 1 37 ? 6.518   3.871   -0.382  1.00 30.66  ? 102  LEU A CB  1 
ATOM   272 C  CG  . LEU A 1 37 ? 5.954   5.203   0.133   1.00 24.71  ? 102  LEU A CG  1 
ATOM   273 C  CD1 . LEU A 1 37 ? 5.013   5.797   -0.875  1.00 34.39  ? 102  LEU A CD1 1 
ATOM   274 C  CD2 . LEU A 1 37 ? 5.248   4.975   1.452   1.00 31.08  ? 102  LEU A CD2 1 
ATOM   275 N  N   . GLY A 1 38 ? 8.783   1.878   -1.174  1.00 27.10  ? 103  GLY A N   1 
ATOM   276 C  CA  . GLY A 1 38 ? 9.216   0.593   -1.670  1.00 25.89  ? 103  GLY A CA  1 
ATOM   277 C  C   . GLY A 1 38 ? 10.101  -0.126  -0.670  1.00 28.69  ? 103  GLY A C   1 
ATOM   278 O  O   . GLY A 1 38 ? 9.922   -1.327  -0.415  1.00 22.30  ? 103  GLY A O   1 
ATOM   279 N  N   . LYS A 1 39 ? 11.032  0.615   -0.080  1.00 24.40  ? 104  LYS A N   1 
ATOM   280 C  CA  . LYS A 1 39 ? 11.965  0.048   0.880   1.00 30.07  ? 104  LYS A CA  1 
ATOM   281 C  C   . LYS A 1 39 ? 11.390  -0.215  2.264   1.00 33.31  ? 104  LYS A C   1 
ATOM   282 O  O   . LYS A 1 39 ? 11.744  -1.203  2.903   1.00 35.97  ? 104  LYS A O   1 
ATOM   283 C  CB  . LYS A 1 39 ? 13.196  0.943   0.996   1.00 31.89  ? 104  LYS A CB  1 
ATOM   284 C  CG  . LYS A 1 39 ? 14.040  0.986   -0.278  1.00 39.46  ? 104  LYS A CG  1 
ATOM   285 C  CD  . LYS A 1 39 ? 15.215  1.941   -0.125  1.00 41.72  ? 104  LYS A CD  1 
ATOM   286 C  CE  . LYS A 1 39 ? 16.050  1.970   -1.385  1.00 49.35  ? 104  LYS A CE  1 
ATOM   287 N  NZ  . LYS A 1 39 ? 17.103  3.008   -1.292  1.00 57.83  ? 104  LYS A NZ  1 
ATOM   288 N  N   . SER A 1 40 ? 10.519  0.662   2.743   1.00 32.07  ? 105  SER A N   1 
ATOM   289 C  CA  . SER A 1 40 ? 9.947   0.445   4.063   1.00 36.87  ? 105  SER A CA  1 
ATOM   290 C  C   . SER A 1 40 ? 9.096   -0.823  4.051   1.00 36.18  ? 105  SER A C   1 
ATOM   291 O  O   . SER A 1 40 ? 9.105   -1.612  5.008   1.00 30.20  ? 105  SER A O   1 
ATOM   292 C  CB  . SER A 1 40 ? 9.105   1.649   4.490   1.00 39.04  ? 105  SER A CB  1 
ATOM   293 O  OG  . SER A 1 40 ? 9.948   2.745   4.783   1.00 43.38  ? 105  SER A OG  1 
ATOM   294 N  N   . TRP A 1 41 ? 8.370   -1.006  2.955   1.00 27.35  ? 106  TRP A N   1 
ATOM   295 C  CA  . TRP A 1 41 ? 7.519   -2.171  2.789   1.00 26.37  ? 106  TRP A CA  1 
ATOM   296 C  C   . TRP A 1 41 ? 8.387   -3.417  2.843   1.00 25.30  ? 106  TRP A C   1 
ATOM   297 O  O   . TRP A 1 41 ? 8.050   -4.389  3.523   1.00 28.44  ? 106  TRP A O   1 
ATOM   298 C  CB  . TRP A 1 41 ? 6.766   -2.098  1.448   1.00 21.12  ? 106  TRP A CB  1 
ATOM   299 C  CG  . TRP A 1 41 ? 5.952   -3.321  1.133   1.00 28.94  ? 106  TRP A CG  1 
ATOM   300 C  CD1 . TRP A 1 41 ? 6.234   -4.279  0.190   1.00 24.66  ? 106  TRP A CD1 1 
ATOM   301 C  CD2 . TRP A 1 41 ? 4.720   -3.720  1.753   1.00 16.71  ? 106  TRP A CD2 1 
ATOM   302 N  NE1 . TRP A 1 41 ? 5.253   -5.237  0.185   1.00 21.74  ? 106  TRP A NE1 1 
ATOM   303 C  CE2 . TRP A 1 41 ? 4.312   -4.922  1.134   1.00 16.57  ? 106  TRP A CE2 1 
ATOM   304 C  CE3 . TRP A 1 41 ? 3.925   -3.180  2.772   1.00 22.37  ? 106  TRP A CE3 1 
ATOM   305 C  CZ2 . TRP A 1 41 ? 3.142   -5.595  1.500   1.00 14.67  ? 106  TRP A CZ2 1 
ATOM   306 C  CZ3 . TRP A 1 41 ? 2.754   -3.850  3.139   1.00 20.11  ? 106  TRP A CZ3 1 
ATOM   307 C  CH2 . TRP A 1 41 ? 2.377   -5.043  2.503   1.00 17.74  ? 106  TRP A CH2 1 
ATOM   308 N  N   . LYS A 1 42 ? 9.513   -3.362  2.138   1.00 28.44  ? 107  LYS A N   1 
ATOM   309 C  CA  . LYS A 1 42 ? 10.455  -4.472  2.072   1.00 32.58  ? 107  LYS A CA  1 
ATOM   310 C  C   . LYS A 1 42 ? 10.982  -4.849  3.455   1.00 34.09  ? 107  LYS A C   1 
ATOM   311 O  O   . LYS A 1 42 ? 11.062  -6.026  3.803   1.00 35.28  ? 107  LYS A O   1 
ATOM   312 C  CB  . LYS A 1 42 ? 11.621  -4.101  1.154   1.00 46.55  ? 107  LYS A CB  1 
ATOM   313 C  CG  . LYS A 1 42 ? 12.581  -5.241  0.846   1.00 54.71  ? 107  LYS A CG  1 
ATOM   314 C  CD  . LYS A 1 42 ? 13.656  -4.787  -0.138  1.00 62.81  ? 107  LYS A CD  1 
ATOM   315 C  CE  . LYS A 1 42 ? 14.581  -5.932  -0.542  1.00 70.54  ? 107  LYS A CE  1 
ATOM   316 N  NZ  . LYS A 1 42 ? 15.545  -5.523  -1.614  1.00 75.86  ? 107  LYS A NZ  1 
ATOM   317 N  N   . ALA A 1 43 ? 11.324  -3.845  4.247   1.00 31.14  ? 108  ALA A N   1 
ATOM   318 C  CA  . ALA A 1 43 ? 11.844  -4.081  5.582   1.00 33.51  ? 108  ALA A CA  1 
ATOM   319 C  C   . ALA A 1 43 ? 10.821  -4.729  6.502   1.00 36.00  ? 108  ALA A C   1 
ATOM   320 O  O   . ALA A 1 43 ? 11.196  -5.362  7.485   1.00 40.71  ? 108  ALA A O   1 
ATOM   321 C  CB  . ALA A 1 43 ? 12.324  -2.775  6.190   1.00 32.76  ? 108  ALA A CB  1 
ATOM   322 N  N   . LEU A 1 44 ? 9.537   -4.582  6.191   1.00 29.75  ? 109  LEU A N   1 
ATOM   323 C  CA  . LEU A 1 44 ? 8.499   -5.160  7.044   1.00 35.43  ? 109  LEU A CA  1 
ATOM   324 C  C   . LEU A 1 44 ? 8.451   -6.683  7.025   1.00 30.31  ? 109  LEU A C   1 
ATOM   325 O  O   . LEU A 1 44 ? 8.769   -7.314  6.021   1.00 40.65  ? 109  LEU A O   1 
ATOM   326 C  CB  . LEU A 1 44 ? 7.107   -4.639  6.649   1.00 25.66  ? 109  LEU A CB  1 
ATOM   327 C  CG  . LEU A 1 44 ? 6.839   -3.133  6.719   1.00 37.57  ? 109  LEU A CG  1 
ATOM   328 C  CD1 . LEU A 1 44 ? 5.400   -2.824  6.260   1.00 31.06  ? 109  LEU A CD1 1 
ATOM   329 C  CD2 . LEU A 1 44 ? 7.070   -2.654  8.148   1.00 36.82  ? 109  LEU A CD2 1 
ATOM   330 N  N   . THR A 1 45 ? 8.044   -7.265  8.146   1.00 21.10  ? 110  THR A N   1 
ATOM   331 C  CA  . THR A 1 45 ? 7.889   -8.710  8.240   1.00 26.63  ? 110  THR A CA  1 
ATOM   332 C  C   . THR A 1 45 ? 6.454   -9.045  7.851   1.00 22.79  ? 110  THR A C   1 
ATOM   333 O  O   . THR A 1 45 ? 5.567   -8.179  7.900   1.00 20.98  ? 110  THR A O   1 
ATOM   334 C  CB  . THR A 1 45 ? 8.078   -9.238  9.683   1.00 34.31  ? 110  THR A CB  1 
ATOM   335 O  OG1 . THR A 1 45 ? 7.074   -8.665  10.534  1.00 34.44  ? 110  THR A OG1 1 
ATOM   336 C  CG2 . THR A 1 45 ? 9.458   -8.899  10.206  1.00 29.02  ? 110  THR A CG2 1 
ATOM   337 N  N   . LEU A 1 46 ? 6.235   -10.302 7.477   1.00 21.33  ? 111  LEU A N   1 
ATOM   338 C  CA  . LEU A 1 46 ? 4.916   -10.791 7.110   1.00 24.90  ? 111  LEU A CA  1 
ATOM   339 C  C   . LEU A 1 46 ? 3.896   -10.464 8.207   1.00 30.37  ? 111  LEU A C   1 
ATOM   340 O  O   . LEU A 1 46 ? 2.772   -10.047 7.908   1.00 30.61  ? 111  LEU A O   1 
ATOM   341 C  CB  . LEU A 1 46 ? 4.959   -12.306 6.882   1.00 22.67  ? 111  LEU A CB  1 
ATOM   342 C  CG  . LEU A 1 46 ? 3.607   -12.966 6.618   1.00 28.31  ? 111  LEU A CG  1 
ATOM   343 C  CD1 . LEU A 1 46 ? 3.067   -12.457 5.302   1.00 28.85  ? 111  LEU A CD1 1 
ATOM   344 C  CD2 . LEU A 1 46 ? 3.740   -14.480 6.585   1.00 32.44  ? 111  LEU A CD2 1 
ATOM   345 N  N   . ALA A 1 47 ? 4.299   -10.645 9.469   1.00 29.47  ? 112  ALA A N   1 
ATOM   346 C  CA  . ALA A 1 47 ? 3.424   -10.378 10.614  1.00 32.61  ? 112  ALA A CA  1 
ATOM   347 C  C   . ALA A 1 47 ? 2.933   -8.927  10.654  1.00 28.15  ? 112  ALA A C   1 
ATOM   348 O  O   . ALA A 1 47 ? 1.830   -8.645  11.124  1.00 28.12  ? 112  ALA A O   1 
ATOM   349 C  CB  . ALA A 1 47 ? 4.144   -10.721 11.919  1.00 35.22  ? 112  ALA A CB  1 
ATOM   350 N  N   . GLU A 1 48 ? 3.761   -8.010  10.169  1.00 16.49  ? 113  GLU A N   1 
ATOM   351 C  CA  . GLU A 1 48 ? 3.397   -6.604  10.126  1.00 20.94  ? 113  GLU A CA  1 
ATOM   352 C  C   . GLU A 1 48 ? 2.593   -6.319  8.828   1.00 18.10  ? 113  GLU A C   1 
ATOM   353 O  O   . GLU A 1 48 ? 1.772   -5.416  8.787   1.00 20.64  ? 113  GLU A O   1 
ATOM   354 C  CB  . GLU A 1 48 ? 4.663   -5.731  10.151  1.00 32.80  ? 113  GLU A CB  1 
ATOM   355 C  CG  . GLU A 1 48 ? 5.595   -5.946  11.361  1.00 31.33  ? 113  GLU A CG  1 
ATOM   356 C  CD  . GLU A 1 48 ? 6.950   -5.230  11.209  1.00 35.87  ? 113  GLU A CD  1 
ATOM   357 O  OE1 . GLU A 1 48 ? 7.803   -5.687  10.410  1.00 33.76  ? 113  GLU A OE1 1 
ATOM   358 O  OE2 . GLU A 1 48 ? 7.162   -4.201  11.890  1.00 34.15  ? 113  GLU A OE2 1 
ATOM   359 N  N   . LYS A 1 49 ? 2.818   -7.099  7.780   1.00 17.89  ? 114  LYS A N   1 
ATOM   360 C  CA  . LYS A 1 49 ? 2.117   -6.873  6.518   1.00 29.77  ? 114  LYS A CA  1 
ATOM   361 C  C   . LYS A 1 49 ? 0.796   -7.628  6.419   1.00 26.63  ? 114  LYS A C   1 
ATOM   362 O  O   . LYS A 1 49 ? -0.073  -7.274  5.624   1.00 26.11  ? 114  LYS A O   1 
ATOM   363 C  CB  . LYS A 1 49 ? 3.030   -7.243  5.330   1.00 17.13  ? 114  LYS A CB  1 
ATOM   364 C  CG  . LYS A 1 49 ? 4.351   -6.496  5.355   1.00 26.08  ? 114  LYS A CG  1 
ATOM   365 C  CD  . LYS A 1 49 ? 5.014   -6.320  3.990   1.00 26.58  ? 114  LYS A CD  1 
ATOM   366 C  CE  . LYS A 1 49 ? 5.281   -7.640  3.289   1.00 20.13  ? 114  LYS A CE  1 
ATOM   367 N  NZ  . LYS A 1 49 ? 6.430   -7.541  2.316   1.00 17.59  ? 114  LYS A NZ  1 
ATOM   368 N  N   . ARG A 1 50 ? 0.647   -8.641  7.263   1.00 29.69  ? 115  ARG A N   1 
ATOM   369 C  CA  . ARG A 1 50 ? -0.532  -9.492  7.264   1.00 31.49  ? 115  ARG A CA  1 
ATOM   370 C  C   . ARG A 1 50 ? -1.894  -8.829  7.027   1.00 29.16  ? 115  ARG A C   1 
ATOM   371 O  O   . ARG A 1 50 ? -2.635  -9.221  6.127   1.00 31.08  ? 115  ARG A O   1 
ATOM   372 C  CB  . ARG A 1 50 ? -0.563  -10.311 8.556   1.00 25.02  ? 115  ARG A CB  1 
ATOM   373 C  CG  . ARG A 1 50 ? -1.796  -11.179 8.694   1.00 26.58  ? 115  ARG A CG  1 
ATOM   374 C  CD  . ARG A 1 50 ? -1.829  -12.289 7.639   1.00 29.78  ? 115  ARG A CD  1 
ATOM   375 N  NE  . ARG A 1 50 ? -0.728  -13.231 7.821   1.00 33.46  ? 115  ARG A NE  1 
ATOM   376 C  CZ  . ARG A 1 50 ? -0.608  -14.367 7.148   1.00 26.66  ? 115  ARG A CZ  1 
ATOM   377 N  NH1 . ARG A 1 50 ? -1.516  -14.701 6.246   1.00 31.26  ? 115  ARG A NH1 1 
ATOM   378 N  NH2 . ARG A 1 50 ? 0.414   -15.164 7.375   1.00 33.19  ? 115  ARG A NH2 1 
ATOM   379 N  N   . PRO A 1 51 ? -2.248  -7.825  7.831   1.00 24.79  ? 116  PRO A N   1 
ATOM   380 C  CA  . PRO A 1 51 ? -3.545  -7.166  7.641   1.00 25.10  ? 116  PRO A CA  1 
ATOM   381 C  C   . PRO A 1 51 ? -3.754  -6.511  6.271   1.00 27.82  ? 116  PRO A C   1 
ATOM   382 O  O   . PRO A 1 51 ? -4.885  -6.488  5.744   1.00 17.56  ? 116  PRO A O   1 
ATOM   383 C  CB  . PRO A 1 51 ? -3.603  -6.162  8.800   1.00 28.77  ? 116  PRO A CB  1 
ATOM   384 C  CG  . PRO A 1 51 ? -2.150  -5.962  9.178   1.00 22.57  ? 116  PRO A CG  1 
ATOM   385 C  CD  . PRO A 1 51 ? -1.565  -7.329  9.035   1.00 19.97  ? 116  PRO A CD  1 
ATOM   386 N  N   . PHE A 1 52 ? -2.668  -5.990  5.700   1.00 24.82  ? 117  PHE A N   1 
ATOM   387 C  CA  . PHE A 1 52 ? -2.718  -5.349  4.385   1.00 29.82  ? 117  PHE A CA  1 
ATOM   388 C  C   . PHE A 1 52 ? -2.803  -6.455  3.357   1.00 29.30  ? 117  PHE A C   1 
ATOM   389 O  O   . PHE A 1 52 ? -3.435  -6.305  2.312   1.00 32.20  ? 117  PHE A O   1 
ATOM   390 C  CB  . PHE A 1 52 ? -1.484  -4.451  4.196   1.00 12.29  ? 117  PHE A CB  1 
ATOM   391 C  CG  . PHE A 1 52 ? -1.361  -3.423  5.281   1.00 13.68  ? 117  PHE A CG  1 
ATOM   392 C  CD1 . PHE A 1 52 ? -2.208  -2.326  5.305   1.00 17.37  ? 117  PHE A CD1 1 
ATOM   393 C  CD2 . PHE A 1 52 ? -0.482  -3.610  6.342   1.00 21.70  ? 117  PHE A CD2 1 
ATOM   394 C  CE1 . PHE A 1 52 ? -2.189  -1.432  6.365   1.00 19.41  ? 117  PHE A CE1 1 
ATOM   395 C  CE2 . PHE A 1 52 ? -0.457  -2.717  7.412   1.00 19.92  ? 117  PHE A CE2 1 
ATOM   396 C  CZ  . PHE A 1 52 ? -1.309  -1.633  7.422   1.00 22.50  ? 117  PHE A CZ  1 
ATOM   397 N  N   . VAL A 1 53 ? -2.180  -7.580  3.680   1.00 23.61  ? 118  VAL A N   1 
ATOM   398 C  CA  . VAL A 1 53 ? -2.236  -8.745  2.820   1.00 22.45  ? 118  VAL A CA  1 
ATOM   399 C  C   . VAL A 1 53 ? -3.670  -9.309  2.794   1.00 24.61  ? 118  VAL A C   1 
ATOM   400 O  O   . VAL A 1 53 ? -4.166  -9.705  1.739   1.00 20.35  ? 118  VAL A O   1 
ATOM   401 C  CB  . VAL A 1 53 ? -1.259  -9.833  3.319   1.00 25.79  ? 118  VAL A CB  1 
ATOM   402 C  CG1 . VAL A 1 53 ? -1.603  -11.177 2.709   1.00 22.02  ? 118  VAL A CG1 1 
ATOM   403 C  CG2 . VAL A 1 53 ? 0.176   -9.446  2.947   1.00 29.44  ? 118  VAL A CG2 1 
ATOM   404 N  N   . GLU A 1 54 ? -4.335  -9.343  3.947   1.00 26.84  ? 119  GLU A N   1 
ATOM   405 C  CA  . GLU A 1 54 ? -5.698  -9.876  4.008   1.00 29.73  ? 119  GLU A CA  1 
ATOM   406 C  C   . GLU A 1 54 ? -6.673  -8.966  3.268   1.00 34.42  ? 119  GLU A C   1 
ATOM   407 O  O   . GLU A 1 54 ? -7.582  -9.437  2.585   1.00 29.26  ? 119  GLU A O   1 
ATOM   408 C  CB  . GLU A 1 54 ? -6.155  -10.039 5.460   1.00 25.56  ? 119  GLU A CB  1 
ATOM   409 C  CG  . GLU A 1 54 ? -5.310  -11.024 6.261   1.00 45.37  ? 119  GLU A CG  1 
ATOM   410 C  CD  . GLU A 1 54 ? -5.273  -12.406 5.624   1.00 56.09  ? 119  GLU A CD  1 
ATOM   411 O  OE1 . GLU A 1 54 ? -6.362  -13.000 5.424   1.00 55.67  ? 119  GLU A OE1 1 
ATOM   412 O  OE2 . GLU A 1 54 ? -4.157  -12.892 5.319   1.00 56.38  ? 119  GLU A OE2 1 
ATOM   413 N  N   . GLU A 1 55 ? -6.473  -7.661  3.411   1.00 30.83  ? 120  GLU A N   1 
ATOM   414 C  CA  . GLU A 1 55 ? -7.321  -6.688  2.750   1.00 31.17  ? 120  GLU A CA  1 
ATOM   415 C  C   . GLU A 1 55 ? -7.191  -6.846  1.229   1.00 30.26  ? 120  GLU A C   1 
ATOM   416 O  O   . GLU A 1 55 ? -8.182  -6.803  0.518   1.00 25.03  ? 120  GLU A O   1 
ATOM   417 C  CB  . GLU A 1 55 ? -6.927  -5.271  3.186   1.00 30.04  ? 120  GLU A CB  1 
ATOM   418 C  CG  . GLU A 1 55 ? -7.795  -4.164  2.609   1.00 42.38  ? 120  GLU A CG  1 
ATOM   419 C  CD  . GLU A 1 55 ? -9.290  -4.415  2.788   1.00 53.27  ? 120  GLU A CD  1 
ATOM   420 O  OE1 . GLU A 1 55 ? -9.736  -4.729  3.913   1.00 42.48  ? 120  GLU A OE1 1 
ATOM   421 O  OE2 . GLU A 1 55 ? -10.031 -4.280  1.790   1.00 64.91  ? 120  GLU A OE2 1 
ATOM   422 N  N   . ALA A 1 56 ? -5.972  -7.039  0.732   1.00 29.42  ? 121  ALA A N   1 
ATOM   423 C  CA  . ALA A 1 56 ? -5.791  -7.204  -0.701  1.00 31.76  ? 121  ALA A CA  1 
ATOM   424 C  C   . ALA A 1 56 ? -6.494  -8.487  -1.137  1.00 36.44  ? 121  ALA A C   1 
ATOM   425 O  O   . ALA A 1 56 ? -7.050  -8.548  -2.231  1.00 31.67  ? 121  ALA A O   1 
ATOM   426 C  CB  . ALA A 1 56 ? -4.307  -7.260  -1.065  1.00 25.95  ? 121  ALA A CB  1 
ATOM   427 N  N   . GLU A 1 57 ? -6.470  -9.515  -0.290  1.00 25.49  ? 122  GLU A N   1 
ATOM   428 C  CA  . GLU A 1 57 ? -7.157  -10.750 -0.651  1.00 35.60  ? 122  GLU A CA  1 
ATOM   429 C  C   . GLU A 1 57 ? -8.671  -10.495 -0.683  1.00 34.06  ? 122  GLU A C   1 
ATOM   430 O  O   . GLU A 1 57 ? -9.368  -10.976 -1.581  1.00 36.73  ? 122  GLU A O   1 
ATOM   431 C  CB  . GLU A 1 57 ? -6.818  -11.872 0.338   1.00 52.63  ? 122  GLU A CB  1 
ATOM   432 C  CG  . GLU A 1 57 ? -5.330  -12.195 0.376   1.00 75.03  ? 122  GLU A CG  1 
ATOM   433 C  CD  . GLU A 1 57 ? -4.937  -13.103 1.529   1.00 79.84  ? 122  GLU A CD  1 
ATOM   434 O  OE1 . GLU A 1 57 ? -5.367  -12.826 2.667   1.00 91.37  ? 122  GLU A OE1 1 
ATOM   435 O  OE2 . GLU A 1 57 ? -4.188  -14.080 1.305   1.00 83.94  ? 122  GLU A OE2 1 
ATOM   436 N  N   . ARG A 1 58 ? -9.174  -9.722  0.277   1.00 22.94  ? 123  ARG A N   1 
ATOM   437 C  CA  . ARG A 1 58 ? -10.594 -9.419  0.316   1.00 31.35  ? 123  ARG A CA  1 
ATOM   438 C  C   . ARG A 1 58 ? -10.994 -8.702  -0.991  1.00 29.10  ? 123  ARG A C   1 
ATOM   439 O  O   . ARG A 1 58 ? -11.927 -9.124  -1.677  1.00 31.38  ? 123  ARG A O   1 
ATOM   440 C  CB  . ARG A 1 58 ? -10.926 -8.549  1.539   1.00 29.46  ? 123  ARG A CB  1 
ATOM   441 C  CG  . ARG A 1 58 ? -12.428 -8.380  1.800   1.00 28.83  ? 123  ARG A CG  1 
ATOM   442 C  CD  . ARG A 1 58 ? -12.725 -7.483  3.008   1.00 31.04  ? 123  ARG A CD  1 
ATOM   443 N  NE  . ARG A 1 58 ? -12.380 -6.076  2.776   1.00 33.52  ? 123  ARG A NE  1 
ATOM   444 C  CZ  . ARG A 1 58 ? -13.047 -5.256  1.960   1.00 36.16  ? 123  ARG A CZ  1 
ATOM   445 N  NH1 . ARG A 1 58 ? -14.107 -5.686  1.287   1.00 36.05  ? 123  ARG A NH1 1 
ATOM   446 N  NH2 . ARG A 1 58 ? -12.654 -3.997  1.811   1.00 38.52  ? 123  ARG A NH2 1 
ATOM   447 N  N   . LEU A 1 59 ? -10.276 -7.635  -1.329  1.00 24.39  ? 124  LEU A N   1 
ATOM   448 C  CA  . LEU A 1 59 ? -10.529 -6.871  -2.541  1.00 28.46  ? 124  LEU A CA  1 
ATOM   449 C  C   . LEU A 1 59 ? -10.494 -7.743  -3.816  1.00 34.00  ? 124  LEU A C   1 
ATOM   450 O  O   . LEU A 1 59 ? -11.335 -7.587  -4.714  1.00 26.77  ? 124  LEU A O   1 
ATOM   451 C  CB  . LEU A 1 59 ? -9.514  -5.723  -2.651  1.00 18.65  ? 124  LEU A CB  1 
ATOM   452 C  CG  . LEU A 1 59 ? -9.614  -4.615  -1.590  1.00 27.10  ? 124  LEU A CG  1 
ATOM   453 C  CD1 . LEU A 1 59 ? -8.427  -3.673  -1.713  1.00 18.91  ? 124  LEU A CD1 1 
ATOM   454 C  CD2 . LEU A 1 59 ? -10.922 -3.826  -1.761  1.00 20.04  ? 124  LEU A CD2 1 
ATOM   455 N  N   . ARG A 1 60 ? -9.536  -8.666  -3.895  1.00 29.60  ? 125  ARG A N   1 
ATOM   456 C  CA  . ARG A 1 60 ? -9.419  -9.540  -5.062  1.00 31.07  ? 125  ARG A CA  1 
ATOM   457 C  C   . ARG A 1 60 ? -10.663 -10.441 -5.234  1.00 36.89  ? 125  ARG A C   1 
ATOM   458 O  O   . ARG A 1 60 ? -11.111 -10.716 -6.356  1.00 31.36  ? 125  ARG A O   1 
ATOM   459 C  CB  . ARG A 1 60 ? -8.154  -10.390 -4.941  1.00 29.49  ? 125  ARG A CB  1 
ATOM   460 C  CG  . ARG A 1 60 ? -7.833  -11.228 -6.169  1.00 35.79  ? 125  ARG A CG  1 
ATOM   461 C  CD  . ARG A 1 60 ? -6.485  -11.940 -6.027  1.00 46.35  ? 125  ARG A CD  1 
ATOM   462 N  NE  . ARG A 1 60 ? -6.085  -12.645 -7.251  1.00 58.10  ? 125  ARG A NE  1 
ATOM   463 C  CZ  . ARG A 1 60 ? -6.705  -13.716 -7.749  1.00 60.39  ? 125  ARG A CZ  1 
ATOM   464 N  NH1 . ARG A 1 60 ? -7.767  -14.227 -7.137  1.00 58.59  ? 125  ARG A NH1 1 
ATOM   465 N  NH2 . ARG A 1 60 ? -6.256  -14.284 -8.860  1.00 61.48  ? 125  ARG A NH2 1 
ATOM   466 N  N   . VAL A 1 61 ? -11.208 -10.897 -4.113  1.00 31.44  ? 126  VAL A N   1 
ATOM   467 C  CA  . VAL A 1 61 ? -12.399 -11.736 -4.116  1.00 32.57  ? 126  VAL A CA  1 
ATOM   468 C  C   . VAL A 1 61 ? -13.582 -10.956 -4.707  1.00 37.29  ? 126  VAL A C   1 
ATOM   469 O  O   . VAL A 1 61 ? -14.288 -11.454 -5.580  1.00 34.92  ? 126  VAL A O   1 
ATOM   470 C  CB  . VAL A 1 61 ? -12.751 -12.194 -2.665  1.00 36.32  ? 126  VAL A CB  1 
ATOM   471 C  CG1 . VAL A 1 61 ? -14.176 -12.727 -2.596  1.00 24.31  ? 126  VAL A CG1 1 
ATOM   472 C  CG2 . VAL A 1 61 ? -11.768 -13.271 -2.209  1.00 22.74  ? 126  VAL A CG2 1 
ATOM   473 N  N   . GLN A 1 62 ? -13.791 -9.733  -4.228  1.00 33.57  ? 127  GLN A N   1 
ATOM   474 C  CA  . GLN A 1 62 ? -14.887 -8.907  -4.711  1.00 33.55  ? 127  GLN A CA  1 
ATOM   475 C  C   . GLN A 1 62 ? -14.788 -8.649  -6.215  1.00 34.41  ? 127  GLN A C   1 
ATOM   476 O  O   . GLN A 1 62 ? -15.796 -8.684  -6.922  1.00 31.46  ? 127  GLN A O   1 
ATOM   477 C  CB  . GLN A 1 62 ? -14.930 -7.572  -3.957  1.00 32.47  ? 127  GLN A CB  1 
ATOM   478 C  CG  . GLN A 1 62 ? -15.391 -7.668  -2.512  1.00 48.20  ? 127  GLN A CG  1 
ATOM   479 C  CD  . GLN A 1 62 ? -16.686 -8.468  -2.334  1.00 55.69  ? 127  GLN A CD  1 
ATOM   480 O  OE1 . GLN A 1 62 ? -16.673 -9.702  -2.277  1.00 51.00  ? 127  GLN A OE1 1 
ATOM   481 N  NE2 . GLN A 1 62 ? -17.809 -7.760  -2.243  1.00 59.55  ? 127  GLN A NE2 1 
ATOM   482 N  N   . HIS A 1 63 ? -13.576 -8.387  -6.697  1.00 40.30  ? 128  HIS A N   1 
ATOM   483 C  CA  . HIS A 1 63 ? -13.346 -8.137  -8.116  1.00 44.04  ? 128  HIS A CA  1 
ATOM   484 C  C   . HIS A 1 63 ? -13.658 -9.378  -8.948  1.00 46.38  ? 128  HIS A C   1 
ATOM   485 O  O   . HIS A 1 63 ? -14.311 -9.293  -9.987  1.00 55.97  ? 128  HIS A O   1 
ATOM   486 C  CB  . HIS A 1 63 ? -11.895 -7.739  -8.354  1.00 30.85  ? 128  HIS A CB  1 
ATOM   487 C  CG  . HIS A 1 63 ? -11.502 -7.724  -9.798  1.00 35.92  ? 128  HIS A CG  1 
ATOM   488 N  ND1 . HIS A 1 63 ? -11.907 -6.739  -10.672 1.00 36.24  ? 128  HIS A ND1 1 
ATOM   489 C  CD2 . HIS A 1 63 ? -10.737 -8.575  -10.522 1.00 38.88  ? 128  HIS A CD2 1 
ATOM   490 C  CE1 . HIS A 1 63 ? -11.405 -6.979  -11.870 1.00 42.94  ? 128  HIS A CE1 1 
ATOM   491 N  NE2 . HIS A 1 63 ? -10.690 -8.089  -11.806 1.00 39.91  ? 128  HIS A NE2 1 
ATOM   492 N  N   . MET A 1 64 ? -13.175 -10.525 -8.490  1.00 38.24  ? 129  MET A N   1 
ATOM   493 C  CA  . MET A 1 64 ? -13.398 -11.785 -9.181  1.00 40.96  ? 129  MET A CA  1 
ATOM   494 C  C   . MET A 1 64 ? -14.865 -12.175 -9.155  1.00 39.93  ? 129  MET A C   1 
ATOM   495 O  O   . MET A 1 64 ? -15.306 -12.983 -9.965  1.00 41.22  ? 129  MET A O   1 
ATOM   496 C  CB  . MET A 1 64 ? -12.564 -12.900 -8.548  1.00 57.53  ? 129  MET A CB  1 
ATOM   497 C  CG  . MET A 1 64 ? -11.066 -12.767 -8.786  1.00 64.23  ? 129  MET A CG  1 
ATOM   498 S  SD  . MET A 1 64 ? -10.660 -12.565 -10.534 1.00 64.50  ? 129  MET A SD  1 
ATOM   499 C  CE  . MET A 1 64 ? -9.237  -11.498 -10.438 1.00 73.54  ? 129  MET A CE  1 
ATOM   500 N  N   . GLN A 1 65 ? -15.617 -11.613 -8.216  1.00 36.04  ? 130  GLN A N   1 
ATOM   501 C  CA  . GLN A 1 65 ? -17.043 -11.894 -8.129  1.00 39.29  ? 130  GLN A CA  1 
ATOM   502 C  C   . GLN A 1 65 ? -17.794 -10.816 -8.901  1.00 40.88  ? 130  GLN A C   1 
ATOM   503 O  O   . GLN A 1 65 ? -19.022 -10.747 -8.877  1.00 40.33  ? 130  GLN A O   1 
ATOM   504 C  CB  . GLN A 1 65 ? -17.510 -11.912 -6.677  1.00 46.97  ? 130  GLN A CB  1 
ATOM   505 C  CG  . GLN A 1 65 ? -17.080 -13.148 -5.925  1.00 60.19  ? 130  GLN A CG  1 
ATOM   506 C  CD  . GLN A 1 65 ? -17.923 -13.388 -4.694  1.00 66.95  ? 130  GLN A CD  1 
ATOM   507 O  OE1 . GLN A 1 65 ? -19.151 -13.444 -4.773  1.00 73.59  ? 130  GLN A OE1 1 
ATOM   508 N  NE2 . GLN A 1 65 ? -17.272 -13.535 -3.546  1.00 69.17  ? 130  GLN A NE2 1 
ATOM   509 N  N   . ASP A 1 66 ? -17.026 -9.966  -9.574  1.00 45.53  ? 131  ASP A N   1 
ATOM   510 C  CA  . ASP A 1 66 ? -17.568 -8.887  -10.371 1.00 46.31  ? 131  ASP A CA  1 
ATOM   511 C  C   . ASP A 1 66 ? -18.272 -7.776  -9.577  1.00 48.33  ? 131  ASP A C   1 
ATOM   512 O  O   . ASP A 1 66 ? -19.210 -7.152  -10.068 1.00 48.47  ? 131  ASP A O   1 
ATOM   513 C  CB  . ASP A 1 66 ? -18.508 -9.459  -11.433 1.00 41.78  ? 131  ASP A CB  1 
ATOM   514 C  CG  . ASP A 1 66 ? -18.933 -8.422  -12.435 1.00 41.01  ? 131  ASP A CG  1 
ATOM   515 O  OD1 . ASP A 1 66 ? -18.036 -7.726  -12.969 1.00 34.50  ? 131  ASP A OD1 1 
ATOM   516 O  OD2 . ASP A 1 66 ? -20.153 -8.307  -12.684 1.00 35.72  ? 131  ASP A OD2 1 
ATOM   517 N  N   . HIS A 1 67 ? -17.809 -7.529  -8.358  1.00 49.82  ? 132  HIS A N   1 
ATOM   518 C  CA  . HIS A 1 67 ? -18.362 -6.471  -7.511  1.00 51.38  ? 132  HIS A CA  1 
ATOM   519 C  C   . HIS A 1 67 ? -19.869 -6.513  -7.312  1.00 56.86  ? 132  HIS A C   1 
ATOM   520 O  O   . HIS A 1 67 ? -20.584 -5.624  -7.771  1.00 59.31  ? 132  HIS A O   1 
ATOM   521 C  CB  . HIS A 1 67 ? -17.983 -5.108  -8.079  1.00 45.20  ? 132  HIS A CB  1 
ATOM   522 C  CG  . HIS A 1 67 ? -16.510 -4.906  -8.215  1.00 43.61  ? 132  HIS A CG  1 
ATOM   523 N  ND1 . HIS A 1 67 ? -15.677 -4.758  -7.126  1.00 44.02  ? 132  HIS A ND1 1 
ATOM   524 C  CD2 . HIS A 1 67 ? -15.713 -4.861  -9.307  1.00 39.85  ? 132  HIS A CD2 1 
ATOM   525 C  CE1 . HIS A 1 67 ? -14.431 -4.631  -7.543  1.00 35.15  ? 132  HIS A CE1 1 
ATOM   526 N  NE2 . HIS A 1 67 ? -14.425 -4.691  -8.861  1.00 31.44  ? 132  HIS A NE2 1 
ATOM   527 N  N   . PRO A 1 68 ? -20.371 -7.543  -6.621  1.00 73.36  ? 133  PRO A N   1 
ATOM   528 C  CA  . PRO A 1 68 ? -21.811 -7.666  -6.374  1.00 76.94  ? 133  PRO A CA  1 
ATOM   529 C  C   . PRO A 1 68 ? -22.333 -6.566  -5.450  1.00 77.17  ? 133  PRO A C   1 
ATOM   530 O  O   . PRO A 1 68 ? -23.181 -5.766  -5.895  1.00 83.27  ? 133  PRO A O   1 
ATOM   531 C  CB  . PRO A 1 68 ? -21.936 -9.052  -5.746  1.00 67.02  ? 133  PRO A CB  1 
ATOM   532 C  CG  . PRO A 1 68 ? -20.786 -9.802  -6.359  1.00 67.63  ? 133  PRO A CG  1 
ATOM   533 C  CD  . PRO A 1 68 ? -19.673 -8.792  -6.273  1.00 62.54  ? 133  PRO A CD  1 
ATOM   534 N  N   . ASN A 1 69 ? -21.886 -6.515  -4.288  1.00 63.23  ? 134  ASN A N   1 
HETATM 535 ZN ZN  . ZN  B 2 .  ? -12.611 -4.900  -10.010 1.00 39.73  ? 1135 ZN  A ZN  1 
HETATM 536 ZN ZN  . ZN  C 2 .  ? 14.293  13.954  -6.136  1.00 50.38  ? 1136 ZN  A ZN  1 
HETATM 537 ZN ZN  . ZN  D 2 .  ? -5.404  -15.107 3.969   1.00 88.53  ? 1137 ZN  A ZN  1 
HETATM 538 O  O   . HOH E 3 .  ? -4.897  -3.322  -14.336 1.00 66.71  ? 2001 HOH A O   1 
HETATM 539 O  O   . HOH E 3 .  ? -10.941 -3.891  -8.726  1.00 19.01  ? 2002 HOH A O   1 
HETATM 540 O  O   . HOH E 3 .  ? -2.515  -5.185  -9.877  1.00 64.91  ? 2003 HOH A O   1 
HETATM 541 O  O   . HOH E 3 .  ? -8.797  -1.863  -4.678  1.00 42.32  ? 2004 HOH A O   1 
HETATM 542 O  O   . HOH E 3 .  ? -6.292  -7.379  -4.567  1.00 39.13  ? 2005 HOH A O   1 
HETATM 543 O  O   . HOH E 3 .  ? 0.236   -7.769  -7.318  1.00 41.99  ? 2006 HOH A O   1 
HETATM 544 O  O   . HOH E 3 .  ? 2.078   -1.353  -7.080  1.00 62.77  ? 2007 HOH A O   1 
HETATM 545 O  O   . HOH E 3 .  ? 4.195   -3.029  -6.175  1.00 47.31  ? 2008 HOH A O   1 
HETATM 546 O  O   . HOH E 3 .  ? -1.008  -8.561  -2.674  1.00 41.35  ? 2009 HOH A O   1 
HETATM 547 O  O   . HOH E 3 .  ? 2.270   -6.867  -2.540  1.00 32.11  ? 2010 HOH A O   1 
HETATM 548 O  O   . HOH E 3 .  ? -1.699  3.384   -2.762  1.00 62.99  ? 2011 HOH A O   1 
HETATM 549 O  O   . HOH E 3 .  ? 4.589   0.021   9.385   1.00 59.66  ? 2012 HOH A O   1 
HETATM 550 O  O   . HOH E 3 .  ? 3.404   4.718   10.360  1.00 45.35  ? 2013 HOH A O   1 
HETATM 551 O  O   . HOH E 3 .  ? -0.865  15.639  7.854   1.00 47.32  ? 2014 HOH A O   1 
HETATM 552 O  O   . HOH E 3 .  ? -1.471  11.949  7.345   1.00 54.45  ? 2015 HOH A O   1 
HETATM 553 O  O   . HOH E 3 .  ? 4.105   12.473  10.917  1.00 37.80  ? 2016 HOH A O   1 
HETATM 554 O  O   . HOH E 3 .  ? 2.565   -9.075  -6.318  1.00 43.90  ? 2017 HOH A O   1 
HETATM 555 O  O   . HOH E 3 .  ? 7.333   15.927  -6.986  1.00 56.29  ? 2018 HOH A O   1 
HETATM 556 O  O   . HOH E 3 .  ? 9.301   12.480  -9.583  1.00 52.18  ? 2019 HOH A O   1 
HETATM 557 O  O   . HOH E 3 .  ? 7.405   10.087  -9.120  1.00 61.36  ? 2020 HOH A O   1 
HETATM 558 O  O   . HOH E 3 .  ? 11.684  6.103   -7.586  1.00 45.11  ? 2021 HOH A O   1 
HETATM 559 O  O   . HOH E 3 .  ? 14.554  10.089  -5.311  1.00 46.32  ? 2022 HOH A O   1 
HETATM 560 O  O   . HOH E 3 .  ? 14.147  10.985  1.319   1.00 39.12  ? 2023 HOH A O   1 
HETATM 561 O  O   . HOH E 3 .  ? 7.518   1.777   -5.283  1.00 43.77  ? 2024 HOH A O   1 
HETATM 562 O  O   . HOH E 3 .  ? 6.877   7.613   -8.463  1.00 59.77  ? 2025 HOH A O   1 
HETATM 563 O  O   . HOH E 3 .  ? 12.314  1.494   -3.280  1.00 46.66  ? 2026 HOH A O   1 
HETATM 564 O  O   . HOH E 3 .  ? 16.802  6.838   -7.307  1.00 43.31  ? 2027 HOH A O   1 
HETATM 565 O  O   . HOH E 3 .  ? 14.596  8.269   -8.082  1.00 57.74  ? 2028 HOH A O   1 
HETATM 566 O  O   . HOH E 3 .  ? 12.143  4.259   3.487   1.00 47.56  ? 2029 HOH A O   1 
HETATM 567 O  O   . HOH E 3 .  ? 6.321   -4.014  -4.547  1.00 52.37  ? 2030 HOH A O   1 
HETATM 568 O  O   . HOH E 3 .  ? 9.088   -3.275  -1.624  1.00 41.70  ? 2031 HOH A O   1 
HETATM 569 O  O   . HOH E 3 .  ? 15.849  0.623   4.125   1.00 48.97  ? 2032 HOH A O   1 
HETATM 570 O  O   . HOH E 3 .  ? 14.216  -1.955  2.500   1.00 39.55  ? 2033 HOH A O   1 
HETATM 571 O  O   . HOH E 3 .  ? 6.743   -6.988  -2.841  1.00 47.83  ? 2034 HOH A O   1 
HETATM 572 O  O   . HOH E 3 .  ? 17.918  -0.671  -0.524  1.00 67.44  ? 2035 HOH A O   1 
HETATM 573 O  O   . HOH E 3 .  ? 10.109  -0.865  7.585   1.00 58.84  ? 2036 HOH A O   1 
HETATM 574 O  O   . HOH E 3 .  ? 10.622  3.001   7.578   1.00 47.59  ? 2037 HOH A O   1 
HETATM 575 O  O   . HOH E 3 .  ? 8.953   5.408   4.710   1.00 63.39  ? 2038 HOH A O   1 
HETATM 576 O  O   . HOH E 3 .  ? 4.773   -14.414 9.886   1.00 48.21  ? 2039 HOH A O   1 
HETATM 577 O  O   . HOH E 3 .  ? 4.942   -8.109  -0.621  1.00 27.86  ? 2040 HOH A O   1 
HETATM 578 O  O   . HOH E 3 .  ? 10.047  -8.058  2.717   1.00 47.55  ? 2041 HOH A O   1 
HETATM 579 O  O   . HOH E 3 .  ? 16.316  -2.478  0.120   1.00 47.06  ? 2042 HOH A O   1 
HETATM 580 O  O   . HOH E 3 .  ? 18.045  -5.120  0.136   1.00 54.44  ? 2043 HOH A O   1 
HETATM 581 O  O   . HOH E 3 .  ? 14.994  -2.351  -2.055  1.00 71.69  ? 2044 HOH A O   1 
HETATM 582 O  O   . HOH E 3 .  ? 13.639  -6.856  7.319   1.00 66.91  ? 2045 HOH A O   1 
HETATM 583 O  O   . HOH E 3 .  ? -13.776 -11.952 1.641   1.00 58.88  ? 2046 HOH A O   1 
HETATM 584 O  O   . HOH E 3 .  ? -14.580 -4.933  -2.638  1.00 56.59  ? 2047 HOH A O   1 
HETATM 585 O  O   . HOH E 3 .  ? 6.165   -12.245 10.188  1.00 36.06  ? 2048 HOH A O   1 
HETATM 586 O  O   . HOH E 3 .  ? -0.633  -9.747  12.192  1.00 42.67  ? 2049 HOH A O   1 
HETATM 587 O  O   . HOH E 3 .  ? 0.812   -3.977  10.749  1.00 41.56  ? 2050 HOH A O   1 
HETATM 588 O  O   . HOH E 3 .  ? 7.929   -1.771  11.431  1.00 52.46  ? 2051 HOH A O   1 
HETATM 589 O  O   . HOH E 3 .  ? 5.424   -2.746  14.146  1.00 73.57  ? 2052 HOH A O   1 
HETATM 590 O  O   . HOH E 3 .  ? 8.354   -7.177  0.392   1.00 34.12  ? 2053 HOH A O   1 
HETATM 591 O  O   . HOH E 3 .  ? 1.656   -13.597 9.811   1.00 29.46  ? 2054 HOH A O   1 
HETATM 592 O  O   . HOH E 3 .  ? -4.159  -14.378 8.372   1.00 53.93  ? 2055 HOH A O   1 
HETATM 593 O  O   . HOH E 3 .  ? -4.858  -16.031 6.669   1.00 49.66  ? 2056 HOH A O   1 
HETATM 594 O  O   . HOH E 3 .  ? -7.238  -6.780  6.799   1.00 29.39  ? 2057 HOH A O   1 
HETATM 595 O  O   . HOH E 3 .  ? -2.342  -10.494 -0.810  1.00 45.02  ? 2058 HOH A O   1 
HETATM 596 O  O   . HOH E 3 .  ? -8.753  -11.630 3.460   1.00 33.23  ? 2059 HOH A O   1 
HETATM 597 O  O   . HOH E 3 .  ? -9.467  -7.078  5.370   1.00 30.01  ? 2060 HOH A O   1 
HETATM 598 O  O   . HOH E 3 .  ? -10.120 -2.080  2.709   1.00 38.77  ? 2061 HOH A O   1 
HETATM 599 O  O   . HOH E 3 .  ? -4.493  -11.049 -3.178  1.00 42.00  ? 2062 HOH A O   1 
HETATM 600 O  O   . HOH E 3 .  ? -14.468 -9.821  -0.492  1.00 34.69  ? 2063 HOH A O   1 
HETATM 601 O  O   . HOH E 3 .  ? -15.577 -7.996  0.941   1.00 47.04  ? 2064 HOH A O   1 
HETATM 602 O  O   . HOH E 3 .  ? -12.087 -4.648  -4.985  1.00 43.79  ? 2065 HOH A O   1 
HETATM 603 O  O   . HOH E 3 .  ? -3.880  -12.619 -9.342  1.00 45.58  ? 2066 HOH A O   1 
HETATM 604 O  O   . HOH E 3 .  ? -18.300 -5.997  -4.074  1.00 47.77  ? 2067 HOH A O   1 
HETATM 605 O  O   . HOH E 3 .  ? -22.512 -7.994  -11.143 1.00 49.46  ? 2068 HOH A O   1 
HETATM 606 O  O   . HOH E 3 .  ? -14.532 -1.372  -8.016  1.00 57.31  ? 2069 HOH A O   1 
HETATM 607 O  O   . HOH E 3 .  ? -16.722 -1.366  -6.291  1.00 47.77  ? 2070 HOH A O   1 
HETATM 608 O  O   . HOH E 3 .  ? 16.283  14.781  -6.915  1.00 12.76  ? 2071 HOH A O   1 
HETATM 609 O  O   . HOH E 3 .  ? 13.365  12.006  -7.046  1.00 21.84  ? 2072 HOH A O   1 
# 
loop_
_pdbx_poly_seq_scheme.asym_id 
_pdbx_poly_seq_scheme.entity_id 
_pdbx_poly_seq_scheme.seq_id 
_pdbx_poly_seq_scheme.mon_id 
_pdbx_poly_seq_scheme.ndb_seq_num 
_pdbx_poly_seq_scheme.pdb_seq_num 
_pdbx_poly_seq_scheme.auth_seq_num 
_pdbx_poly_seq_scheme.pdb_mon_id 
_pdbx_poly_seq_scheme.auth_mon_id 
_pdbx_poly_seq_scheme.pdb_strand_id 
_pdbx_poly_seq_scheme.pdb_ins_code 
_pdbx_poly_seq_scheme.hetero 
A 1 1  GLY 1  66  ?   ?   ?   A . n 
A 1 2  SER 2  67  ?   ?   ?   A . n 
A 1 3  ILE 3  68  ?   ?   ?   A . n 
A 1 4  ARG 4  69  ?   ?   ?   A . n 
A 1 5  ARG 5  70  70  ARG ARG A . n 
A 1 6  PRO 6  71  71  PRO PRO A . n 
A 1 7  MET 7  72  72  MET MET A . n 
A 1 8  ASN 8  73  73  ASN ASN A . n 
A 1 9  ALA 9  74  74  ALA ALA A . n 
A 1 10 PHE 10 75  75  PHE PHE A . n 
A 1 11 MET 11 76  76  MET MET A . n 
A 1 12 VAL 12 77  77  VAL VAL A . n 
A 1 13 TRP 13 78  78  TRP TRP A . n 
A 1 14 ALA 14 79  79  ALA ALA A . n 
A 1 15 LYS 15 80  80  LYS LYS A . n 
A 1 16 ASP 16 81  81  ASP ASP A . n 
A 1 17 GLU 17 82  82  GLU GLU A . n 
A 1 18 ARG 18 83  83  ARG ARG A . n 
A 1 19 LYS 19 84  84  LYS LYS A . n 
A 1 20 ARG 20 85  85  ARG ARG A . n 
A 1 21 LEU 21 86  86  LEU LEU A . n 
A 1 22 ALA 22 87  87  ALA ALA A . n 
A 1 23 GLN 23 88  88  GLN GLN A . n 
A 1 24 GLN 24 89  89  GLN GLN A . n 
A 1 25 ASN 25 90  90  ASN ASN A . n 
A 1 26 PRO 26 91  91  PRO PRO A . n 
A 1 27 ASP 27 92  92  ASP ASP A . n 
A 1 28 LEU 28 93  93  LEU LEU A . n 
A 1 29 HIS 29 94  94  HIS HIS A . n 
A 1 30 ASN 30 95  95  ASN ASN A . n 
A 1 31 ALA 31 96  96  ALA ALA A . n 
A 1 32 GLU 32 97  97  GLU GLU A . n 
A 1 33 LEU 33 98  98  LEU LEU A . n 
A 1 34 SER 34 99  99  SER SER A . n 
A 1 35 LYS 35 100 100 LYS LYS A . n 
A 1 36 MET 36 101 101 MET MET A . n 
A 1 37 LEU 37 102 102 LEU LEU A . n 
A 1 38 GLY 38 103 103 GLY GLY A . n 
A 1 39 LYS 39 104 104 LYS LYS A . n 
A 1 40 SER 40 105 105 SER SER A . n 
A 1 41 TRP 41 106 106 TRP TRP A . n 
A 1 42 LYS 42 107 107 LYS LYS A . n 
A 1 43 ALA 43 108 108 ALA ALA A . n 
A 1 44 LEU 44 109 109 LEU LEU A . n 
A 1 45 THR 45 110 110 THR THR A . n 
A 1 46 LEU 46 111 111 LEU LEU A . n 
A 1 47 ALA 47 112 112 ALA ALA A . n 
A 1 48 GLU 48 113 113 GLU GLU A . n 
A 1 49 LYS 49 114 114 LYS LYS A . n 
A 1 50 ARG 50 115 115 ARG ARG A . n 
A 1 51 PRO 51 116 116 PRO PRO A . n 
A 1 52 PHE 52 117 117 PHE PHE A . n 
A 1 53 VAL 53 118 118 VAL VAL A . n 
A 1 54 GLU 54 119 119 GLU GLU A . n 
A 1 55 GLU 55 120 120 GLU GLU A . n 
A 1 56 ALA 56 121 121 ALA ALA A . n 
A 1 57 GLU 57 122 122 GLU GLU A . n 
A 1 58 ARG 58 123 123 ARG ARG A . n 
A 1 59 LEU 59 124 124 LEU LEU A . n 
A 1 60 ARG 60 125 125 ARG ARG A . n 
A 1 61 VAL 61 126 126 VAL VAL A . n 
A 1 62 GLN 62 127 127 GLN GLN A . n 
A 1 63 HIS 63 128 128 HIS HIS A . n 
A 1 64 MET 64 129 129 MET MET A . n 
A 1 65 GLN 65 130 130 GLN GLN A . n 
A 1 66 ASP 66 131 131 ASP ASP A . n 
A 1 67 HIS 67 132 132 HIS HIS A . n 
A 1 68 PRO 68 133 133 PRO PRO A . n 
A 1 69 ASN 69 134 134 ASN ASN A . n 
A 1 70 TYR 70 135 ?   ?   ?   A . n 
A 1 71 LYS 71 136 ?   ?   ?   A . n 
# 
loop_
_pdbx_nonpoly_scheme.asym_id 
_pdbx_nonpoly_scheme.entity_id 
_pdbx_nonpoly_scheme.mon_id 
_pdbx_nonpoly_scheme.ndb_seq_num 
_pdbx_nonpoly_scheme.pdb_seq_num 
_pdbx_nonpoly_scheme.auth_seq_num 
_pdbx_nonpoly_scheme.pdb_mon_id 
_pdbx_nonpoly_scheme.auth_mon_id 
_pdbx_nonpoly_scheme.pdb_strand_id 
_pdbx_nonpoly_scheme.pdb_ins_code 
B 2 ZN  1  1135 1135 ZN  ZN  A . 
C 2 ZN  1  1136 1136 ZN  ZN  A . 
D 2 ZN  1  1137 1137 ZN  ZN  A . 
E 3 HOH 1  2001 2001 HOH HOH A . 
E 3 HOH 2  2002 2002 HOH HOH A . 
E 3 HOH 3  2003 2003 HOH HOH A . 
E 3 HOH 4  2004 2004 HOH HOH A . 
E 3 HOH 5  2005 2005 HOH HOH A . 
E 3 HOH 6  2006 2006 HOH HOH A . 
E 3 HOH 7  2007 2007 HOH HOH A . 
E 3 HOH 8  2008 2008 HOH HOH A . 
E 3 HOH 9  2009 2009 HOH HOH A . 
E 3 HOH 10 2010 2010 HOH HOH A . 
E 3 HOH 11 2011 2011 HOH HOH A . 
E 3 HOH 12 2012 2012 HOH HOH A . 
E 3 HOH 13 2013 2013 HOH HOH A . 
E 3 HOH 14 2014 2014 HOH HOH A . 
E 3 HOH 15 2015 2015 HOH HOH A . 
E 3 HOH 16 2016 2016 HOH HOH A . 
E 3 HOH 17 2017 2017 HOH HOH A . 
E 3 HOH 18 2018 2018 HOH HOH A . 
E 3 HOH 19 2019 2019 HOH HOH A . 
E 3 HOH 20 2020 2020 HOH HOH A . 
E 3 HOH 21 2021 2021 HOH HOH A . 
E 3 HOH 22 2022 2022 HOH HOH A . 
E 3 HOH 23 2023 2023 HOH HOH A . 
E 3 HOH 24 2024 2024 HOH HOH A . 
E 3 HOH 25 2025 2025 HOH HOH A . 
E 3 HOH 26 2026 2026 HOH HOH A . 
E 3 HOH 27 2027 2027 HOH HOH A . 
E 3 HOH 28 2028 2028 HOH HOH A . 
E 3 HOH 29 2029 2029 HOH HOH A . 
E 3 HOH 30 2030 2030 HOH HOH A . 
E 3 HOH 31 2031 2031 HOH HOH A . 
E 3 HOH 32 2032 2032 HOH HOH A . 
E 3 HOH 33 2033 2033 HOH HOH A . 
E 3 HOH 34 2034 2034 HOH HOH A . 
E 3 HOH 35 2035 2035 HOH HOH A . 
E 3 HOH 36 2036 2036 HOH HOH A . 
E 3 HOH 37 2037 2037 HOH HOH A . 
E 3 HOH 38 2038 2038 HOH HOH A . 
E 3 HOH 39 2039 2039 HOH HOH A . 
E 3 HOH 40 2040 2040 HOH HOH A . 
E 3 HOH 41 2041 2041 HOH HOH A . 
E 3 HOH 42 2042 2042 HOH HOH A . 
E 3 HOH 43 2043 2043 HOH HOH A . 
E 3 HOH 44 2044 2044 HOH HOH A . 
E 3 HOH 45 2045 2045 HOH HOH A . 
E 3 HOH 46 2046 2046 HOH HOH A . 
E 3 HOH 47 2047 2047 HOH HOH A . 
E 3 HOH 48 2048 2048 HOH HOH A . 
E 3 HOH 49 2049 2049 HOH HOH A . 
E 3 HOH 50 2050 2050 HOH HOH A . 
E 3 HOH 51 2051 2051 HOH HOH A . 
E 3 HOH 52 2052 2052 HOH HOH A . 
E 3 HOH 53 2053 2053 HOH HOH A . 
E 3 HOH 54 2054 2054 HOH HOH A . 
E 3 HOH 55 2055 2055 HOH HOH A . 
E 3 HOH 56 2056 2056 HOH HOH A . 
E 3 HOH 57 2057 2057 HOH HOH A . 
E 3 HOH 58 2058 2058 HOH HOH A . 
E 3 HOH 59 2059 2059 HOH HOH A . 
E 3 HOH 60 2060 2060 HOH HOH A . 
E 3 HOH 61 2061 2061 HOH HOH A . 
E 3 HOH 62 2062 2062 HOH HOH A . 
E 3 HOH 63 2063 2063 HOH HOH A . 
E 3 HOH 64 2064 2064 HOH HOH A . 
E 3 HOH 65 2065 2065 HOH HOH A . 
E 3 HOH 66 2066 2066 HOH HOH A . 
E 3 HOH 67 2067 2067 HOH HOH A . 
E 3 HOH 68 2068 2068 HOH HOH A . 
E 3 HOH 69 2069 2069 HOH HOH A . 
E 3 HOH 70 2070 2070 HOH HOH A . 
E 3 HOH 71 2071 2071 HOH HOH A . 
E 3 HOH 72 2072 2072 HOH HOH A . 
# 
_pdbx_struct_assembly.id                   1 
_pdbx_struct_assembly.details              author_and_software_defined_assembly 
_pdbx_struct_assembly.method_details       PISA 
_pdbx_struct_assembly.oligomeric_details   dimeric 
_pdbx_struct_assembly.oligomeric_count     2 
# 
_pdbx_struct_assembly_gen.assembly_id       1 
_pdbx_struct_assembly_gen.oper_expression   1,2 
_pdbx_struct_assembly_gen.asym_id_list      A,B,C,D,E 
# 
loop_
_pdbx_struct_assembly_prop.biol_id 
_pdbx_struct_assembly_prop.type 
_pdbx_struct_assembly_prop.value 
_pdbx_struct_assembly_prop.details 
1 'ABSA (A^2)' 1410   ? 
1 MORE         -180.6 ? 
1 'SSA (A^2)'  9370   ? 
# 
loop_
_pdbx_struct_oper_list.id 
_pdbx_struct_oper_list.type 
_pdbx_struct_oper_list.name 
_pdbx_struct_oper_list.symmetry_operation 
_pdbx_struct_oper_list.matrix[1][1] 
_pdbx_struct_oper_list.matrix[1][2] 
_pdbx_struct_oper_list.matrix[1][3] 
_pdbx_struct_oper_list.vector[1] 
_pdbx_struct_oper_list.matrix[2][1] 
_pdbx_struct_oper_list.matrix[2][2] 
_pdbx_struct_oper_list.matrix[2][3] 
_pdbx_struct_oper_list.vector[2] 
_pdbx_struct_oper_list.matrix[3][1] 
_pdbx_struct_oper_list.matrix[3][2] 
_pdbx_struct_oper_list.matrix[3][3] 
_pdbx_struct_oper_list.vector[3] 
1 'identity operation'         1_555 x,y,z   1.0000000000  0.0000000000  0.0000000000  0.0000000000  0.0000000000  1.0000000000  0.0000000000 0.0000000000  0.0000000000  0.0000000000 1.0000000000  0.0000000000  
2 'crystal symmetry operation' 2_555 -x,y,-z -0.4854070923 -0.5582258088 -0.6728773299 26.3150787529 -0.5582258088 -0.3944416082 0.7299313420 25.7987068100 -0.6728773299 0.7299313420 -0.1201512996 -1.2780205913 
# 
loop_
_pdbx_struct_conn_angle.id 
_pdbx_struct_conn_angle.ptnr1_label_atom_id 
_pdbx_struct_conn_angle.ptnr1_label_alt_id 
_pdbx_struct_conn_angle.ptnr1_label_asym_id 
_pdbx_struct_conn_angle.ptnr1_label_comp_id 
_pdbx_struct_conn_angle.ptnr1_label_seq_id 
_pdbx_struct_conn_angle.ptnr1_auth_atom_id 
_pdbx_struct_conn_angle.ptnr1_auth_asym_id 
_pdbx_struct_conn_angle.ptnr1_auth_comp_id 
_pdbx_struct_conn_angle.ptnr1_auth_seq_id 
_pdbx_struct_conn_angle.ptnr1_PDB_ins_code 
_pdbx_struct_conn_angle.ptnr1_symmetry 
_pdbx_struct_conn_angle.ptnr2_label_atom_id 
_pdbx_struct_conn_angle.ptnr2_label_alt_id 
_pdbx_struct_conn_angle.ptnr2_label_asym_id 
_pdbx_struct_conn_angle.ptnr2_label_comp_id 
_pdbx_struct_conn_angle.ptnr2_label_seq_id 
_pdbx_struct_conn_angle.ptnr2_auth_atom_id 
_pdbx_struct_conn_angle.ptnr2_auth_asym_id 
_pdbx_struct_conn_angle.ptnr2_auth_comp_id 
_pdbx_struct_conn_angle.ptnr2_auth_seq_id 
_pdbx_struct_conn_angle.ptnr2_PDB_ins_code 
_pdbx_struct_conn_angle.ptnr2_symmetry 
_pdbx_struct_conn_angle.ptnr3_label_atom_id 
_pdbx_struct_conn_angle.ptnr3_label_alt_id 
_pdbx_struct_conn_angle.ptnr3_label_asym_id 
_pdbx_struct_conn_angle.ptnr3_label_comp_id 
_pdbx_struct_conn_angle.ptnr3_label_seq_id 
_pdbx_struct_conn_angle.ptnr3_auth_atom_id 
_pdbx_struct_conn_angle.ptnr3_auth_asym_id 
_pdbx_struct_conn_angle.ptnr3_auth_comp_id 
_pdbx_struct_conn_angle.ptnr3_auth_seq_id 
_pdbx_struct_conn_angle.ptnr3_PDB_ins_code 
_pdbx_struct_conn_angle.ptnr3_symmetry 
_pdbx_struct_conn_angle.value 
_pdbx_struct_conn_angle.value_esd 
1  ND1 ? A HIS 29 ? A HIS 94   ? 1_555 ZN ? C ZN . ? A ZN 1136 ? 1_555 OE2 ? A GLU 32 ? A GLU 97   ? 2_555 101.1 ? 
2  ND1 ? A HIS 29 ? A HIS 94   ? 1_555 ZN ? C ZN . ? A ZN 1136 ? 1_555 O   ? E HOH .  ? A HOH 2071 ? 1_555 105.2 ? 
3  OE2 ? A GLU 32 ? A GLU 97   ? 2_555 ZN ? C ZN . ? A ZN 1136 ? 1_555 O   ? E HOH .  ? A HOH 2071 ? 1_555 105.6 ? 
4  ND1 ? A HIS 29 ? A HIS 94   ? 1_555 ZN ? C ZN . ? A ZN 1136 ? 1_555 O   ? E HOH .  ? A HOH 2072 ? 1_555 110.2 ? 
5  OE2 ? A GLU 32 ? A GLU 97   ? 2_555 ZN ? C ZN . ? A ZN 1136 ? 1_555 O   ? E HOH .  ? A HOH 2072 ? 1_555 111.9 ? 
6  O   ? E HOH .  ? A HOH 2071 ? 1_555 ZN ? C ZN . ? A ZN 1136 ? 1_555 O   ? E HOH .  ? A HOH 2072 ? 1_555 120.8 ? 
7  ND1 ? A HIS 63 ? A HIS 128  ? 1_555 ZN ? B ZN . ? A ZN 1135 ? 1_555 OD2 ? A ASP 66 ? A ASP 131  ? 2_656 121.6 ? 
8  ND1 ? A HIS 63 ? A HIS 128  ? 1_555 ZN ? B ZN . ? A ZN 1135 ? 1_555 NE2 ? A HIS 67 ? A HIS 132  ? 1_555 122.7 ? 
9  OD2 ? A ASP 66 ? A ASP 131  ? 2_656 ZN ? B ZN . ? A ZN 1135 ? 1_555 NE2 ? A HIS 67 ? A HIS 132  ? 1_555 98.2  ? 
10 ND1 ? A HIS 63 ? A HIS 128  ? 1_555 ZN ? B ZN . ? A ZN 1135 ? 1_555 O   ? E HOH .  ? A HOH 2002 ? 1_555 108.4 ? 
11 OD2 ? A ASP 66 ? A ASP 131  ? 2_656 ZN ? B ZN . ? A ZN 1135 ? 1_555 O   ? E HOH .  ? A HOH 2002 ? 1_555 96.6  ? 
12 NE2 ? A HIS 67 ? A HIS 132  ? 1_555 ZN ? B ZN . ? A ZN 1135 ? 1_555 O   ? E HOH .  ? A HOH 2002 ? 1_555 105.4 ? 
# 
loop_
_pdbx_audit_revision_history.ordinal 
_pdbx_audit_revision_history.data_content_type 
_pdbx_audit_revision_history.major_revision 
_pdbx_audit_revision_history.minor_revision 
_pdbx_audit_revision_history.revision_date 
1 'Structure model' 1 0 2011-12-28 
2 'Structure model' 1 1 2012-10-24 
3 'Structure model' 1 2 2013-03-20 
4 'Structure model' 1 3 2023-12-20 
# 
_pdbx_audit_revision_details.ordinal             1 
_pdbx_audit_revision_details.revision_ordinal    1 
_pdbx_audit_revision_details.data_content_type   'Structure model' 
_pdbx_audit_revision_details.provider            repository 
_pdbx_audit_revision_details.type                'Initial release' 
_pdbx_audit_revision_details.description         ? 
_pdbx_audit_revision_details.details             ? 
# 
loop_
_pdbx_audit_revision_group.ordinal 
_pdbx_audit_revision_group.revision_ordinal 
_pdbx_audit_revision_group.data_content_type 
_pdbx_audit_revision_group.group 
1 2 'Structure model' 'Database references'    
2 3 'Structure model' 'Data collection'        
3 3 'Structure model' 'Database references'    
4 4 'Structure model' 'Data collection'        
5 4 'Structure model' 'Database references'    
6 4 'Structure model' 'Derived calculations'   
7 4 'Structure model' Other                    
8 4 'Structure model' 'Refinement description' 
# 
loop_
_pdbx_audit_revision_category.ordinal 
_pdbx_audit_revision_category.revision_ordinal 
_pdbx_audit_revision_category.data_content_type 
_pdbx_audit_revision_category.category 
1 4 'Structure model' chem_comp_atom                
2 4 'Structure model' chem_comp_bond                
3 4 'Structure model' database_2                    
4 4 'Structure model' pdbx_database_status          
5 4 'Structure model' pdbx_initial_refinement_model 
6 4 'Structure model' pdbx_struct_conn_angle        
7 4 'Structure model' struct_conn                   
8 4 'Structure model' struct_site                   
# 
loop_
_pdbx_audit_revision_item.ordinal 
_pdbx_audit_revision_item.revision_ordinal 
_pdbx_audit_revision_item.data_content_type 
_pdbx_audit_revision_item.item 
1  4 'Structure model' '_database_2.pdbx_DOI'                        
2  4 'Structure model' '_database_2.pdbx_database_accession'         
3  4 'Structure model' '_pdbx_database_status.status_code_sf'        
4  4 'Structure model' '_pdbx_struct_conn_angle.ptnr1_auth_comp_id'  
5  4 'Structure model' '_pdbx_struct_conn_angle.ptnr1_auth_seq_id'   
6  4 'Structure model' '_pdbx_struct_conn_angle.ptnr1_label_asym_id' 
7  4 'Structure model' '_pdbx_struct_conn_angle.ptnr1_label_atom_id' 
8  4 'Structure model' '_pdbx_struct_conn_angle.ptnr1_label_comp_id' 
9  4 'Structure model' '_pdbx_struct_conn_angle.ptnr1_label_seq_id'  
10 4 'Structure model' '_pdbx_struct_conn_angle.ptnr1_symmetry'      
11 4 'Structure model' '_pdbx_struct_conn_angle.ptnr2_auth_seq_id'   
12 4 'Structure model' '_pdbx_struct_conn_angle.ptnr2_label_asym_id' 
13 4 'Structure model' '_pdbx_struct_conn_angle.ptnr3_auth_comp_id'  
14 4 'Structure model' '_pdbx_struct_conn_angle.ptnr3_auth_seq_id'   
15 4 'Structure model' '_pdbx_struct_conn_angle.ptnr3_label_asym_id' 
16 4 'Structure model' '_pdbx_struct_conn_angle.ptnr3_label_atom_id' 
17 4 'Structure model' '_pdbx_struct_conn_angle.ptnr3_label_comp_id' 
18 4 'Structure model' '_pdbx_struct_conn_angle.ptnr3_label_seq_id'  
19 4 'Structure model' '_pdbx_struct_conn_angle.ptnr3_symmetry'      
20 4 'Structure model' '_pdbx_struct_conn_angle.value'               
21 4 'Structure model' '_struct_conn.pdbx_dist_value'                
22 4 'Structure model' '_struct_conn.ptnr1_auth_comp_id'             
23 4 'Structure model' '_struct_conn.ptnr1_auth_seq_id'              
24 4 'Structure model' '_struct_conn.ptnr1_label_asym_id'            
25 4 'Structure model' '_struct_conn.ptnr1_label_atom_id'            
26 4 'Structure model' '_struct_conn.ptnr1_label_comp_id'            
27 4 'Structure model' '_struct_conn.ptnr1_label_seq_id'             
28 4 'Structure model' '_struct_conn.ptnr1_symmetry'                 
29 4 'Structure model' '_struct_conn.ptnr2_auth_comp_id'             
30 4 'Structure model' '_struct_conn.ptnr2_auth_seq_id'              
31 4 'Structure model' '_struct_conn.ptnr2_label_asym_id'            
32 4 'Structure model' '_struct_conn.ptnr2_label_atom_id'            
33 4 'Structure model' '_struct_conn.ptnr2_label_comp_id'            
34 4 'Structure model' '_struct_conn.ptnr2_label_seq_id'             
35 4 'Structure model' '_struct_conn.ptnr2_symmetry'                 
36 4 'Structure model' '_struct_site.pdbx_auth_asym_id'              
37 4 'Structure model' '_struct_site.pdbx_auth_comp_id'              
38 4 'Structure model' '_struct_site.pdbx_auth_seq_id'               
# 
loop_
_software.name 
_software.classification 
_software.version 
_software.citation_id 
_software.pdbx_ordinal 
CNS       refinement       1.2 ? 1 
HKL-2000  'data reduction' .   ? 2 
SCALEPACK 'data scaling'   .   ? 3 
MOLREP    phasing          .   ? 4 
# 
_pdbx_validate_symm_contact.id                1 
_pdbx_validate_symm_contact.PDB_model_num     1 
_pdbx_validate_symm_contact.auth_atom_id_1    OD1 
_pdbx_validate_symm_contact.auth_asym_id_1    A 
_pdbx_validate_symm_contact.auth_comp_id_1    ASN 
_pdbx_validate_symm_contact.auth_seq_id_1     90 
_pdbx_validate_symm_contact.PDB_ins_code_1    ? 
_pdbx_validate_symm_contact.label_alt_id_1    ? 
_pdbx_validate_symm_contact.site_symmetry_1   1_555 
_pdbx_validate_symm_contact.auth_atom_id_2    OD1 
_pdbx_validate_symm_contact.auth_asym_id_2    A 
_pdbx_validate_symm_contact.auth_comp_id_2    ASP 
_pdbx_validate_symm_contact.auth_seq_id_2     92 
_pdbx_validate_symm_contact.PDB_ins_code_2    ? 
_pdbx_validate_symm_contact.label_alt_id_2    ? 
_pdbx_validate_symm_contact.site_symmetry_2   2_555 
_pdbx_validate_symm_contact.dist              2.18 
# 
_pdbx_validate_torsion.id              1 
_pdbx_validate_torsion.PDB_model_num   1 
_pdbx_validate_torsion.auth_comp_id    GLN 
_pdbx_validate_torsion.auth_asym_id    A 
_pdbx_validate_torsion.auth_seq_id     89 
_pdbx_validate_torsion.PDB_ins_code    ? 
_pdbx_validate_torsion.label_alt_id    ? 
_pdbx_validate_torsion.phi             -140.42 
_pdbx_validate_torsion.psi             -26.55 
# 
loop_
_pdbx_unobs_or_zero_occ_atoms.id 
_pdbx_unobs_or_zero_occ_atoms.PDB_model_num 
_pdbx_unobs_or_zero_occ_atoms.polymer_flag 
_pdbx_unobs_or_zero_occ_atoms.occupancy_flag 
_pdbx_unobs_or_zero_occ_atoms.auth_asym_id 
_pdbx_unobs_or_zero_occ_atoms.auth_comp_id 
_pdbx_unobs_or_zero_occ_atoms.auth_seq_id 
_pdbx_unobs_or_zero_occ_atoms.PDB_ins_code 
_pdbx_unobs_or_zero_occ_atoms.auth_atom_id 
_pdbx_unobs_or_zero_occ_atoms.label_alt_id 
_pdbx_unobs_or_zero_occ_atoms.label_asym_id 
_pdbx_unobs_or_zero_occ_atoms.label_comp_id 
_pdbx_unobs_or_zero_occ_atoms.label_seq_id 
_pdbx_unobs_or_zero_occ_atoms.label_atom_id 
1 1 Y 1 A ASN 134 ? CA  ? A ASN 69 CA  
2 1 Y 1 A ASN 134 ? C   ? A ASN 69 C   
3 1 Y 1 A ASN 134 ? O   ? A ASN 69 O   
4 1 Y 1 A ASN 134 ? CB  ? A ASN 69 CB  
5 1 Y 1 A ASN 134 ? CG  ? A ASN 69 CG  
6 1 Y 1 A ASN 134 ? OD1 ? A ASN 69 OD1 
7 1 Y 1 A ASN 134 ? ND2 ? A ASN 69 ND2 
# 
loop_
_pdbx_unobs_or_zero_occ_residues.id 
_pdbx_unobs_or_zero_occ_residues.PDB_model_num 
_pdbx_unobs_or_zero_occ_residues.polymer_flag 
_pdbx_unobs_or_zero_occ_residues.occupancy_flag 
_pdbx_unobs_or_zero_occ_residues.auth_asym_id 
_pdbx_unobs_or_zero_occ_residues.auth_comp_id 
_pdbx_unobs_or_zero_occ_residues.auth_seq_id 
_pdbx_unobs_or_zero_occ_residues.PDB_ins_code 
_pdbx_unobs_or_zero_occ_residues.label_asym_id 
_pdbx_unobs_or_zero_occ_residues.label_comp_id 
_pdbx_unobs_or_zero_occ_residues.label_seq_id 
1 1 Y 1 A GLY 66  ? A GLY 1  
2 1 Y 1 A SER 67  ? A SER 2  
3 1 Y 1 A ILE 68  ? A ILE 3  
4 1 Y 1 A ARG 69  ? A ARG 4  
5 1 Y 1 A TYR 135 ? A TYR 70 
6 1 Y 1 A LYS 136 ? A LYS 71 
# 
loop_
_chem_comp_atom.comp_id 
_chem_comp_atom.atom_id 
_chem_comp_atom.type_symbol 
_chem_comp_atom.pdbx_aromatic_flag 
_chem_comp_atom.pdbx_stereo_config 
_chem_comp_atom.pdbx_ordinal 
ALA N    N  N N 1   
ALA CA   C  N S 2   
ALA C    C  N N 3   
ALA O    O  N N 4   
ALA CB   C  N N 5   
ALA OXT  O  N N 6   
ALA H    H  N N 7   
ALA H2   H  N N 8   
ALA HA   H  N N 9   
ALA HB1  H  N N 10  
ALA HB2  H  N N 11  
ALA HB3  H  N N 12  
ALA HXT  H  N N 13  
ARG N    N  N N 14  
ARG CA   C  N S 15  
ARG C    C  N N 16  
ARG O    O  N N 17  
ARG CB   C  N N 18  
ARG CG   C  N N 19  
ARG CD   C  N N 20  
ARG NE   N  N N 21  
ARG CZ   C  N N 22  
ARG NH1  N  N N 23  
ARG NH2  N  N N 24  
ARG OXT  O  N N 25  
ARG H    H  N N 26  
ARG H2   H  N N 27  
ARG HA   H  N N 28  
ARG HB2  H  N N 29  
ARG HB3  H  N N 30  
ARG HG2  H  N N 31  
ARG HG3  H  N N 32  
ARG HD2  H  N N 33  
ARG HD3  H  N N 34  
ARG HE   H  N N 35  
ARG HH11 H  N N 36  
ARG HH12 H  N N 37  
ARG HH21 H  N N 38  
ARG HH22 H  N N 39  
ARG HXT  H  N N 40  
ASN N    N  N N 41  
ASN CA   C  N S 42  
ASN C    C  N N 43  
ASN O    O  N N 44  
ASN CB   C  N N 45  
ASN CG   C  N N 46  
ASN OD1  O  N N 47  
ASN ND2  N  N N 48  
ASN OXT  O  N N 49  
ASN H    H  N N 50  
ASN H2   H  N N 51  
ASN HA   H  N N 52  
ASN HB2  H  N N 53  
ASN HB3  H  N N 54  
ASN HD21 H  N N 55  
ASN HD22 H  N N 56  
ASN HXT  H  N N 57  
ASP N    N  N N 58  
ASP CA   C  N S 59  
ASP C    C  N N 60  
ASP O    O  N N 61  
ASP CB   C  N N 62  
ASP CG   C  N N 63  
ASP OD1  O  N N 64  
ASP OD2  O  N N 65  
ASP OXT  O  N N 66  
ASP H    H  N N 67  
ASP H2   H  N N 68  
ASP HA   H  N N 69  
ASP HB2  H  N N 70  
ASP HB3  H  N N 71  
ASP HD2  H  N N 72  
ASP HXT  H  N N 73  
GLN N    N  N N 74  
GLN CA   C  N S 75  
GLN C    C  N N 76  
GLN O    O  N N 77  
GLN CB   C  N N 78  
GLN CG   C  N N 79  
GLN CD   C  N N 80  
GLN OE1  O  N N 81  
GLN NE2  N  N N 82  
GLN OXT  O  N N 83  
GLN H    H  N N 84  
GLN H2   H  N N 85  
GLN HA   H  N N 86  
GLN HB2  H  N N 87  
GLN HB3  H  N N 88  
GLN HG2  H  N N 89  
GLN HG3  H  N N 90  
GLN HE21 H  N N 91  
GLN HE22 H  N N 92  
GLN HXT  H  N N 93  
GLU N    N  N N 94  
GLU CA   C  N S 95  
GLU C    C  N N 96  
GLU O    O  N N 97  
GLU CB   C  N N 98  
GLU CG   C  N N 99  
GLU CD   C  N N 100 
GLU OE1  O  N N 101 
GLU OE2  O  N N 102 
GLU OXT  O  N N 103 
GLU H    H  N N 104 
GLU H2   H  N N 105 
GLU HA   H  N N 106 
GLU HB2  H  N N 107 
GLU HB3  H  N N 108 
GLU HG2  H  N N 109 
GLU HG3  H  N N 110 
GLU HE2  H  N N 111 
GLU HXT  H  N N 112 
GLY N    N  N N 113 
GLY CA   C  N N 114 
GLY C    C  N N 115 
GLY O    O  N N 116 
GLY OXT  O  N N 117 
GLY H    H  N N 118 
GLY H2   H  N N 119 
GLY HA2  H  N N 120 
GLY HA3  H  N N 121 
GLY HXT  H  N N 122 
HIS N    N  N N 123 
HIS CA   C  N S 124 
HIS C    C  N N 125 
HIS O    O  N N 126 
HIS CB   C  N N 127 
HIS CG   C  Y N 128 
HIS ND1  N  Y N 129 
HIS CD2  C  Y N 130 
HIS CE1  C  Y N 131 
HIS NE2  N  Y N 132 
HIS OXT  O  N N 133 
HIS H    H  N N 134 
HIS H2   H  N N 135 
HIS HA   H  N N 136 
HIS HB2  H  N N 137 
HIS HB3  H  N N 138 
HIS HD1  H  N N 139 
HIS HD2  H  N N 140 
HIS HE1  H  N N 141 
HIS HE2  H  N N 142 
HIS HXT  H  N N 143 
HOH O    O  N N 144 
HOH H1   H  N N 145 
HOH H2   H  N N 146 
ILE N    N  N N 147 
ILE CA   C  N S 148 
ILE C    C  N N 149 
ILE O    O  N N 150 
ILE CB   C  N S 151 
ILE CG1  C  N N 152 
ILE CG2  C  N N 153 
ILE CD1  C  N N 154 
ILE OXT  O  N N 155 
ILE H    H  N N 156 
ILE H2   H  N N 157 
ILE HA   H  N N 158 
ILE HB   H  N N 159 
ILE HG12 H  N N 160 
ILE HG13 H  N N 161 
ILE HG21 H  N N 162 
ILE HG22 H  N N 163 
ILE HG23 H  N N 164 
ILE HD11 H  N N 165 
ILE HD12 H  N N 166 
ILE HD13 H  N N 167 
ILE HXT  H  N N 168 
LEU N    N  N N 169 
LEU CA   C  N S 170 
LEU C    C  N N 171 
LEU O    O  N N 172 
LEU CB   C  N N 173 
LEU CG   C  N N 174 
LEU CD1  C  N N 175 
LEU CD2  C  N N 176 
LEU OXT  O  N N 177 
LEU H    H  N N 178 
LEU H2   H  N N 179 
LEU HA   H  N N 180 
LEU HB2  H  N N 181 
LEU HB3  H  N N 182 
LEU HG   H  N N 183 
LEU HD11 H  N N 184 
LEU HD12 H  N N 185 
LEU HD13 H  N N 186 
LEU HD21 H  N N 187 
LEU HD22 H  N N 188 
LEU HD23 H  N N 189 
LEU HXT  H  N N 190 
LYS N    N  N N 191 
LYS CA   C  N S 192 
LYS C    C  N N 193 
LYS O    O  N N 194 
LYS CB   C  N N 195 
LYS CG   C  N N 196 
LYS CD   C  N N 197 
LYS CE   C  N N 198 
LYS NZ   N  N N 199 
LYS OXT  O  N N 200 
LYS H    H  N N 201 
LYS H2   H  N N 202 
LYS HA   H  N N 203 
LYS HB2  H  N N 204 
LYS HB3  H  N N 205 
LYS HG2  H  N N 206 
LYS HG3  H  N N 207 
LYS HD2  H  N N 208 
LYS HD3  H  N N 209 
LYS HE2  H  N N 210 
LYS HE3  H  N N 211 
LYS HZ1  H  N N 212 
LYS HZ2  H  N N 213 
LYS HZ3  H  N N 214 
LYS HXT  H  N N 215 
MET N    N  N N 216 
MET CA   C  N S 217 
MET C    C  N N 218 
MET O    O  N N 219 
MET CB   C  N N 220 
MET CG   C  N N 221 
MET SD   S  N N 222 
MET CE   C  N N 223 
MET OXT  O  N N 224 
MET H    H  N N 225 
MET H2   H  N N 226 
MET HA   H  N N 227 
MET HB2  H  N N 228 
MET HB3  H  N N 229 
MET HG2  H  N N 230 
MET HG3  H  N N 231 
MET HE1  H  N N 232 
MET HE2  H  N N 233 
MET HE3  H  N N 234 
MET HXT  H  N N 235 
PHE N    N  N N 236 
PHE CA   C  N S 237 
PHE C    C  N N 238 
PHE O    O  N N 239 
PHE CB   C  N N 240 
PHE CG   C  Y N 241 
PHE CD1  C  Y N 242 
PHE CD2  C  Y N 243 
PHE CE1  C  Y N 244 
PHE CE2  C  Y N 245 
PHE CZ   C  Y N 246 
PHE OXT  O  N N 247 
PHE H    H  N N 248 
PHE H2   H  N N 249 
PHE HA   H  N N 250 
PHE HB2  H  N N 251 
PHE HB3  H  N N 252 
PHE HD1  H  N N 253 
PHE HD2  H  N N 254 
PHE HE1  H  N N 255 
PHE HE2  H  N N 256 
PHE HZ   H  N N 257 
PHE HXT  H  N N 258 
PRO N    N  N N 259 
PRO CA   C  N S 260 
PRO C    C  N N 261 
PRO O    O  N N 262 
PRO CB   C  N N 263 
PRO CG   C  N N 264 
PRO CD   C  N N 265 
PRO OXT  O  N N 266 
PRO H    H  N N 267 
PRO HA   H  N N 268 
PRO HB2  H  N N 269 
PRO HB3  H  N N 270 
PRO HG2  H  N N 271 
PRO HG3  H  N N 272 
PRO HD2  H  N N 273 
PRO HD3  H  N N 274 
PRO HXT  H  N N 275 
SER N    N  N N 276 
SER CA   C  N S 277 
SER C    C  N N 278 
SER O    O  N N 279 
SER CB   C  N N 280 
SER OG   O  N N 281 
SER OXT  O  N N 282 
SER H    H  N N 283 
SER H2   H  N N 284 
SER HA   H  N N 285 
SER HB2  H  N N 286 
SER HB3  H  N N 287 
SER HG   H  N N 288 
SER HXT  H  N N 289 
THR N    N  N N 290 
THR CA   C  N S 291 
THR C    C  N N 292 
THR O    O  N N 293 
THR CB   C  N R 294 
THR OG1  O  N N 295 
THR CG2  C  N N 296 
THR OXT  O  N N 297 
THR H    H  N N 298 
THR H2   H  N N 299 
THR HA   H  N N 300 
THR HB   H  N N 301 
THR HG1  H  N N 302 
THR HG21 H  N N 303 
THR HG22 H  N N 304 
THR HG23 H  N N 305 
THR HXT  H  N N 306 
TRP N    N  N N 307 
TRP CA   C  N S 308 
TRP C    C  N N 309 
TRP O    O  N N 310 
TRP CB   C  N N 311 
TRP CG   C  Y N 312 
TRP CD1  C  Y N 313 
TRP CD2  C  Y N 314 
TRP NE1  N  Y N 315 
TRP CE2  C  Y N 316 
TRP CE3  C  Y N 317 
TRP CZ2  C  Y N 318 
TRP CZ3  C  Y N 319 
TRP CH2  C  Y N 320 
TRP OXT  O  N N 321 
TRP H    H  N N 322 
TRP H2   H  N N 323 
TRP HA   H  N N 324 
TRP HB2  H  N N 325 
TRP HB3  H  N N 326 
TRP HD1  H  N N 327 
TRP HE1  H  N N 328 
TRP HE3  H  N N 329 
TRP HZ2  H  N N 330 
TRP HZ3  H  N N 331 
TRP HH2  H  N N 332 
TRP HXT  H  N N 333 
TYR N    N  N N 334 
TYR CA   C  N S 335 
TYR C    C  N N 336 
TYR O    O  N N 337 
TYR CB   C  N N 338 
TYR CG   C  Y N 339 
TYR CD1  C  Y N 340 
TYR CD2  C  Y N 341 
TYR CE1  C  Y N 342 
TYR CE2  C  Y N 343 
TYR CZ   C  Y N 344 
TYR OH   O  N N 345 
TYR OXT  O  N N 346 
TYR H    H  N N 347 
TYR H2   H  N N 348 
TYR HA   H  N N 349 
TYR HB2  H  N N 350 
TYR HB3  H  N N 351 
TYR HD1  H  N N 352 
TYR HD2  H  N N 353 
TYR HE1  H  N N 354 
TYR HE2  H  N N 355 
TYR HH   H  N N 356 
TYR HXT  H  N N 357 
VAL N    N  N N 358 
VAL CA   C  N S 359 
VAL C    C  N N 360 
VAL O    O  N N 361 
VAL CB   C  N N 362 
VAL CG1  C  N N 363 
VAL CG2  C  N N 364 
VAL OXT  O  N N 365 
VAL H    H  N N 366 
VAL H2   H  N N 367 
VAL HA   H  N N 368 
VAL HB   H  N N 369 
VAL HG11 H  N N 370 
VAL HG12 H  N N 371 
VAL HG13 H  N N 372 
VAL HG21 H  N N 373 
VAL HG22 H  N N 374 
VAL HG23 H  N N 375 
VAL HXT  H  N N 376 
ZN  ZN   ZN N N 377 
# 
loop_
_chem_comp_bond.comp_id 
_chem_comp_bond.atom_id_1 
_chem_comp_bond.atom_id_2 
_chem_comp_bond.value_order 
_chem_comp_bond.pdbx_aromatic_flag 
_chem_comp_bond.pdbx_stereo_config 
_chem_comp_bond.pdbx_ordinal 
ALA N   CA   sing N N 1   
ALA N   H    sing N N 2   
ALA N   H2   sing N N 3   
ALA CA  C    sing N N 4   
ALA CA  CB   sing N N 5   
ALA CA  HA   sing N N 6   
ALA C   O    doub N N 7   
ALA C   OXT  sing N N 8   
ALA CB  HB1  sing N N 9   
ALA CB  HB2  sing N N 10  
ALA CB  HB3  sing N N 11  
ALA OXT HXT  sing N N 12  
ARG N   CA   sing N N 13  
ARG N   H    sing N N 14  
ARG N   H2   sing N N 15  
ARG CA  C    sing N N 16  
ARG CA  CB   sing N N 17  
ARG CA  HA   sing N N 18  
ARG C   O    doub N N 19  
ARG C   OXT  sing N N 20  
ARG CB  CG   sing N N 21  
ARG CB  HB2  sing N N 22  
ARG CB  HB3  sing N N 23  
ARG CG  CD   sing N N 24  
ARG CG  HG2  sing N N 25  
ARG CG  HG3  sing N N 26  
ARG CD  NE   sing N N 27  
ARG CD  HD2  sing N N 28  
ARG CD  HD3  sing N N 29  
ARG NE  CZ   sing N N 30  
ARG NE  HE   sing N N 31  
ARG CZ  NH1  sing N N 32  
ARG CZ  NH2  doub N N 33  
ARG NH1 HH11 sing N N 34  
ARG NH1 HH12 sing N N 35  
ARG NH2 HH21 sing N N 36  
ARG NH2 HH22 sing N N 37  
ARG OXT HXT  sing N N 38  
ASN N   CA   sing N N 39  
ASN N   H    sing N N 40  
ASN N   H2   sing N N 41  
ASN CA  C    sing N N 42  
ASN CA  CB   sing N N 43  
ASN CA  HA   sing N N 44  
ASN C   O    doub N N 45  
ASN C   OXT  sing N N 46  
ASN CB  CG   sing N N 47  
ASN CB  HB2  sing N N 48  
ASN CB  HB3  sing N N 49  
ASN CG  OD1  doub N N 50  
ASN CG  ND2  sing N N 51  
ASN ND2 HD21 sing N N 52  
ASN ND2 HD22 sing N N 53  
ASN OXT HXT  sing N N 54  
ASP N   CA   sing N N 55  
ASP N   H    sing N N 56  
ASP N   H2   sing N N 57  
ASP CA  C    sing N N 58  
ASP CA  CB   sing N N 59  
ASP CA  HA   sing N N 60  
ASP C   O    doub N N 61  
ASP C   OXT  sing N N 62  
ASP CB  CG   sing N N 63  
ASP CB  HB2  sing N N 64  
ASP CB  HB3  sing N N 65  
ASP CG  OD1  doub N N 66  
ASP CG  OD2  sing N N 67  
ASP OD2 HD2  sing N N 68  
ASP OXT HXT  sing N N 69  
GLN N   CA   sing N N 70  
GLN N   H    sing N N 71  
GLN N   H2   sing N N 72  
GLN CA  C    sing N N 73  
GLN CA  CB   sing N N 74  
GLN CA  HA   sing N N 75  
GLN C   O    doub N N 76  
GLN C   OXT  sing N N 77  
GLN CB  CG   sing N N 78  
GLN CB  HB2  sing N N 79  
GLN CB  HB3  sing N N 80  
GLN CG  CD   sing N N 81  
GLN CG  HG2  sing N N 82  
GLN CG  HG3  sing N N 83  
GLN CD  OE1  doub N N 84  
GLN CD  NE2  sing N N 85  
GLN NE2 HE21 sing N N 86  
GLN NE2 HE22 sing N N 87  
GLN OXT HXT  sing N N 88  
GLU N   CA   sing N N 89  
GLU N   H    sing N N 90  
GLU N   H2   sing N N 91  
GLU CA  C    sing N N 92  
GLU CA  CB   sing N N 93  
GLU CA  HA   sing N N 94  
GLU C   O    doub N N 95  
GLU C   OXT  sing N N 96  
GLU CB  CG   sing N N 97  
GLU CB  HB2  sing N N 98  
GLU CB  HB3  sing N N 99  
GLU CG  CD   sing N N 100 
GLU CG  HG2  sing N N 101 
GLU CG  HG3  sing N N 102 
GLU CD  OE1  doub N N 103 
GLU CD  OE2  sing N N 104 
GLU OE2 HE2  sing N N 105 
GLU OXT HXT  sing N N 106 
GLY N   CA   sing N N 107 
GLY N   H    sing N N 108 
GLY N   H2   sing N N 109 
GLY CA  C    sing N N 110 
GLY CA  HA2  sing N N 111 
GLY CA  HA3  sing N N 112 
GLY C   O    doub N N 113 
GLY C   OXT  sing N N 114 
GLY OXT HXT  sing N N 115 
HIS N   CA   sing N N 116 
HIS N   H    sing N N 117 
HIS N   H2   sing N N 118 
HIS CA  C    sing N N 119 
HIS CA  CB   sing N N 120 
HIS CA  HA   sing N N 121 
HIS C   O    doub N N 122 
HIS C   OXT  sing N N 123 
HIS CB  CG   sing N N 124 
HIS CB  HB2  sing N N 125 
HIS CB  HB3  sing N N 126 
HIS CG  ND1  sing Y N 127 
HIS CG  CD2  doub Y N 128 
HIS ND1 CE1  doub Y N 129 
HIS ND1 HD1  sing N N 130 
HIS CD2 NE2  sing Y N 131 
HIS CD2 HD2  sing N N 132 
HIS CE1 NE2  sing Y N 133 
HIS CE1 HE1  sing N N 134 
HIS NE2 HE2  sing N N 135 
HIS OXT HXT  sing N N 136 
HOH O   H1   sing N N 137 
HOH O   H2   sing N N 138 
ILE N   CA   sing N N 139 
ILE N   H    sing N N 140 
ILE N   H2   sing N N 141 
ILE CA  C    sing N N 142 
ILE CA  CB   sing N N 143 
ILE CA  HA   sing N N 144 
ILE C   O    doub N N 145 
ILE C   OXT  sing N N 146 
ILE CB  CG1  sing N N 147 
ILE CB  CG2  sing N N 148 
ILE CB  HB   sing N N 149 
ILE CG1 CD1  sing N N 150 
ILE CG1 HG12 sing N N 151 
ILE CG1 HG13 sing N N 152 
ILE CG2 HG21 sing N N 153 
ILE CG2 HG22 sing N N 154 
ILE CG2 HG23 sing N N 155 
ILE CD1 HD11 sing N N 156 
ILE CD1 HD12 sing N N 157 
ILE CD1 HD13 sing N N 158 
ILE OXT HXT  sing N N 159 
LEU N   CA   sing N N 160 
LEU N   H    sing N N 161 
LEU N   H2   sing N N 162 
LEU CA  C    sing N N 163 
LEU CA  CB   sing N N 164 
LEU CA  HA   sing N N 165 
LEU C   O    doub N N 166 
LEU C   OXT  sing N N 167 
LEU CB  CG   sing N N 168 
LEU CB  HB2  sing N N 169 
LEU CB  HB3  sing N N 170 
LEU CG  CD1  sing N N 171 
LEU CG  CD2  sing N N 172 
LEU CG  HG   sing N N 173 
LEU CD1 HD11 sing N N 174 
LEU CD1 HD12 sing N N 175 
LEU CD1 HD13 sing N N 176 
LEU CD2 HD21 sing N N 177 
LEU CD2 HD22 sing N N 178 
LEU CD2 HD23 sing N N 179 
LEU OXT HXT  sing N N 180 
LYS N   CA   sing N N 181 
LYS N   H    sing N N 182 
LYS N   H2   sing N N 183 
LYS CA  C    sing N N 184 
LYS CA  CB   sing N N 185 
LYS CA  HA   sing N N 186 
LYS C   O    doub N N 187 
LYS C   OXT  sing N N 188 
LYS CB  CG   sing N N 189 
LYS CB  HB2  sing N N 190 
LYS CB  HB3  sing N N 191 
LYS CG  CD   sing N N 192 
LYS CG  HG2  sing N N 193 
LYS CG  HG3  sing N N 194 
LYS CD  CE   sing N N 195 
LYS CD  HD2  sing N N 196 
LYS CD  HD3  sing N N 197 
LYS CE  NZ   sing N N 198 
LYS CE  HE2  sing N N 199 
LYS CE  HE3  sing N N 200 
LYS NZ  HZ1  sing N N 201 
LYS NZ  HZ2  sing N N 202 
LYS NZ  HZ3  sing N N 203 
LYS OXT HXT  sing N N 204 
MET N   CA   sing N N 205 
MET N   H    sing N N 206 
MET N   H2   sing N N 207 
MET CA  C    sing N N 208 
MET CA  CB   sing N N 209 
MET CA  HA   sing N N 210 
MET C   O    doub N N 211 
MET C   OXT  sing N N 212 
MET CB  CG   sing N N 213 
MET CB  HB2  sing N N 214 
MET CB  HB3  sing N N 215 
MET CG  SD   sing N N 216 
MET CG  HG2  sing N N 217 
MET CG  HG3  sing N N 218 
MET SD  CE   sing N N 219 
MET CE  HE1  sing N N 220 
MET CE  HE2  sing N N 221 
MET CE  HE3  sing N N 222 
MET OXT HXT  sing N N 223 
PHE N   CA   sing N N 224 
PHE N   H    sing N N 225 
PHE N   H2   sing N N 226 
PHE CA  C    sing N N 227 
PHE CA  CB   sing N N 228 
PHE CA  HA   sing N N 229 
PHE C   O    doub N N 230 
PHE C   OXT  sing N N 231 
PHE CB  CG   sing N N 232 
PHE CB  HB2  sing N N 233 
PHE CB  HB3  sing N N 234 
PHE CG  CD1  doub Y N 235 
PHE CG  CD2  sing Y N 236 
PHE CD1 CE1  sing Y N 237 
PHE CD1 HD1  sing N N 238 
PHE CD2 CE2  doub Y N 239 
PHE CD2 HD2  sing N N 240 
PHE CE1 CZ   doub Y N 241 
PHE CE1 HE1  sing N N 242 
PHE CE2 CZ   sing Y N 243 
PHE CE2 HE2  sing N N 244 
PHE CZ  HZ   sing N N 245 
PHE OXT HXT  sing N N 246 
PRO N   CA   sing N N 247 
PRO N   CD   sing N N 248 
PRO N   H    sing N N 249 
PRO CA  C    sing N N 250 
PRO CA  CB   sing N N 251 
PRO CA  HA   sing N N 252 
PRO C   O    doub N N 253 
PRO C   OXT  sing N N 254 
PRO CB  CG   sing N N 255 
PRO CB  HB2  sing N N 256 
PRO CB  HB3  sing N N 257 
PRO CG  CD   sing N N 258 
PRO CG  HG2  sing N N 259 
PRO CG  HG3  sing N N 260 
PRO CD  HD2  sing N N 261 
PRO CD  HD3  sing N N 262 
PRO OXT HXT  sing N N 263 
SER N   CA   sing N N 264 
SER N   H    sing N N 265 
SER N   H2   sing N N 266 
SER CA  C    sing N N 267 
SER CA  CB   sing N N 268 
SER CA  HA   sing N N 269 
SER C   O    doub N N 270 
SER C   OXT  sing N N 271 
SER CB  OG   sing N N 272 
SER CB  HB2  sing N N 273 
SER CB  HB3  sing N N 274 
SER OG  HG   sing N N 275 
SER OXT HXT  sing N N 276 
THR N   CA   sing N N 277 
THR N   H    sing N N 278 
THR N   H2   sing N N 279 
THR CA  C    sing N N 280 
THR CA  CB   sing N N 281 
THR CA  HA   sing N N 282 
THR C   O    doub N N 283 
THR C   OXT  sing N N 284 
THR CB  OG1  sing N N 285 
THR CB  CG2  sing N N 286 
THR CB  HB   sing N N 287 
THR OG1 HG1  sing N N 288 
THR CG2 HG21 sing N N 289 
THR CG2 HG22 sing N N 290 
THR CG2 HG23 sing N N 291 
THR OXT HXT  sing N N 292 
TRP N   CA   sing N N 293 
TRP N   H    sing N N 294 
TRP N   H2   sing N N 295 
TRP CA  C    sing N N 296 
TRP CA  CB   sing N N 297 
TRP CA  HA   sing N N 298 
TRP C   O    doub N N 299 
TRP C   OXT  sing N N 300 
TRP CB  CG   sing N N 301 
TRP CB  HB2  sing N N 302 
TRP CB  HB3  sing N N 303 
TRP CG  CD1  doub Y N 304 
TRP CG  CD2  sing Y N 305 
TRP CD1 NE1  sing Y N 306 
TRP CD1 HD1  sing N N 307 
TRP CD2 CE2  doub Y N 308 
TRP CD2 CE3  sing Y N 309 
TRP NE1 CE2  sing Y N 310 
TRP NE1 HE1  sing N N 311 
TRP CE2 CZ2  sing Y N 312 
TRP CE3 CZ3  doub Y N 313 
TRP CE3 HE3  sing N N 314 
TRP CZ2 CH2  doub Y N 315 
TRP CZ2 HZ2  sing N N 316 
TRP CZ3 CH2  sing Y N 317 
TRP CZ3 HZ3  sing N N 318 
TRP CH2 HH2  sing N N 319 
TRP OXT HXT  sing N N 320 
TYR N   CA   sing N N 321 
TYR N   H    sing N N 322 
TYR N   H2   sing N N 323 
TYR CA  C    sing N N 324 
TYR CA  CB   sing N N 325 
TYR CA  HA   sing N N 326 
TYR C   O    doub N N 327 
TYR C   OXT  sing N N 328 
TYR CB  CG   sing N N 329 
TYR CB  HB2  sing N N 330 
TYR CB  HB3  sing N N 331 
TYR CG  CD1  doub Y N 332 
TYR CG  CD2  sing Y N 333 
TYR CD1 CE1  sing Y N 334 
TYR CD1 HD1  sing N N 335 
TYR CD2 CE2  doub Y N 336 
TYR CD2 HD2  sing N N 337 
TYR CE1 CZ   doub Y N 338 
TYR CE1 HE1  sing N N 339 
TYR CE2 CZ   sing Y N 340 
TYR CE2 HE2  sing N N 341 
TYR CZ  OH   sing N N 342 
TYR OH  HH   sing N N 343 
TYR OXT HXT  sing N N 344 
VAL N   CA   sing N N 345 
VAL N   H    sing N N 346 
VAL N   H2   sing N N 347 
VAL CA  C    sing N N 348 
VAL CA  CB   sing N N 349 
VAL CA  HA   sing N N 350 
VAL C   O    doub N N 351 
VAL C   OXT  sing N N 352 
VAL CB  CG1  sing N N 353 
VAL CB  CG2  sing N N 354 
VAL CB  HB   sing N N 355 
VAL CG1 HG11 sing N N 356 
VAL CG1 HG12 sing N N 357 
VAL CG1 HG13 sing N N 358 
VAL CG2 HG21 sing N N 359 
VAL CG2 HG22 sing N N 360 
VAL CG2 HG23 sing N N 361 
VAL OXT HXT  sing N N 362 
# 
loop_
_pdbx_entity_nonpoly.entity_id 
_pdbx_entity_nonpoly.name 
_pdbx_entity_nonpoly.comp_id 
2 'ZINC ION' ZN  
3 water      HOH 
# 
_pdbx_initial_refinement_model.id               1 
_pdbx_initial_refinement_model.entity_id_list   ? 
_pdbx_initial_refinement_model.type             'experimental model' 
_pdbx_initial_refinement_model.source_name      PDB 
_pdbx_initial_refinement_model.accession_code   3F27 
_pdbx_initial_refinement_model.details          'PDB ENTRY 3F27' 
# 
